data_7TCH
#
_entry.id   7TCH
#
_cell.length_a   1.00
_cell.length_b   1.00
_cell.length_c   1.00
_cell.angle_alpha   90.00
_cell.angle_beta   90.00
_cell.angle_gamma   90.00
#
_symmetry.space_group_name_H-M   'P 1'
#
loop_
_entity.id
_entity.type
_entity.pdbx_description
1 polymer 'Bacitracin export permease protein BceB'
2 polymer 'Bacitracin export ATP-binding protein BceA'
3 non-polymer 4-amino-4-deoxy-1-O-[(S)-hydroxy{[(2E,6E,10Z,14Z,18Z,22E,26E,30E)-3,7,11,15,19,23,27,31,35-nonamethylhexatriaconta-2,6,10,14,18,22,26,30,34-nonaen-1-yl]oxy}phosphoryl]-alpha-L-arabinopyranose
4 non-polymer "ADENOSINE-5'-TRIPHOSPHATE"
#
loop_
_entity_poly.entity_id
_entity_poly.type
_entity_poly.pdbx_seq_one_letter_code
_entity_poly.pdbx_strand_id
1 'polypeptide(L)'
;MNINQLILRNLKKNLRNYYLYVFALIFSVALYFAFVTLQYDPAINEVKASIKGAAAIKTASILLVAVVAIFILYANTIFI
KRRSKEIGLFQLIGMTKHKIFRILSAENVMLYFGSLAIGVAAGFSISKLVLMILFKIVDVKADAKLHFSEQALVQTVIVF
CGIYLLIMIMNYTFIKKQSILSLFKVTSSTEDKVKKISFFQMLIGALGIVLILTGYYVSSELFGGKFKTINELFVAMSFI
LGSVIIGTFLFYKGSVTFISNIIRKSKGGYLNISEVLSLSSIMFRMKSNALLLTIITTVSALAIGLLSLAYISYYSSEKT
AEQNVAADFSFMNEKDAKLFENKLRESNISFVKKATPVLQANVDIANIMDGTPKEMQGDPGNMQLAVVSDKDVKGVDVAA
GEAVFSGYTDLLQKIMVFKDSGVIKVKSKHETQPLKYKGLREEFLVSYTFTSGGMPAVIVDDSLFKQLDKDKDPRIQLAQ
STFIGVNVKHDDQMEKANELFQQVNKKNEHLSRLDTSAAQKSLFGMVMFIVGFLGLTFLITSGCILYFKQMGESEDEKPS
YTILRKLGFTQGDLIKGIRIKQMYNFGIPLVVGLFHSYFAVQSGWFLFGSEVWAPMIMVMVLYTALYSIFGFLSVLYYKK
VIKSSL
;
A
2 'polypeptide(L)'
;MSGHHHHHHVILEANKIRKSYGNKLNKQEVLKGIDIHIEKGEFVSIMGASGSGKTTLLNVLSSIDQVSHGTIHINGNDMT
AMKEKQLAEFRKQHLGFIFQDYNLLDTLTVKENILLPLSITKLSKKEANRKFEEVAKELGIYELRDKYPNEISGGQKQRT
SAGRAFIHDPSIIFADQPTGALDSKSASDLLNKLSQLNQKRNATIIMVTHDPVAASYCGRVIFIKDGQMYTQLNKGGQDR
QTFFQDIMKTQGVLGGVQHEH
;
B,C
#
# COMPACT_ATOMS: atom_id res chain seq x y z
N ASN A 2 8.03 -33.58 10.46
CA ASN A 2 9.14 -32.89 9.80
C ASN A 2 8.69 -31.54 9.25
N ILE A 3 7.65 -30.96 9.88
CA ILE A 3 7.12 -29.68 9.43
C ILE A 3 8.11 -28.56 9.66
N ASN A 4 8.90 -28.64 10.73
CA ASN A 4 9.80 -27.55 11.10
C ASN A 4 10.84 -27.29 10.01
N GLN A 5 11.40 -28.37 9.44
CA GLN A 5 12.37 -28.20 8.37
C GLN A 5 11.74 -27.50 7.17
N LEU A 6 10.49 -27.87 6.84
CA LEU A 6 9.80 -27.23 5.73
C LEU A 6 9.56 -25.75 5.99
N ILE A 7 9.15 -25.41 7.22
CA ILE A 7 8.89 -24.01 7.54
C ILE A 7 10.18 -23.19 7.47
N LEU A 8 11.28 -23.72 8.01
CA LEU A 8 12.55 -23.01 7.91
C LEU A 8 13.00 -22.89 6.45
N ARG A 9 12.79 -23.92 5.64
CA ARG A 9 13.15 -23.84 4.24
C ARG A 9 12.35 -22.75 3.53
N ASN A 10 11.07 -22.63 3.85
CA ASN A 10 10.25 -21.57 3.30
C ASN A 10 10.71 -20.20 3.77
N LEU A 11 11.11 -20.10 5.03
CA LEU A 11 11.63 -18.84 5.57
C LEU A 11 12.90 -18.42 4.85
N LYS A 12 13.75 -19.38 4.50
CA LYS A 12 15.01 -19.06 3.85
C LYS A 12 14.81 -18.36 2.50
N LYS A 13 13.62 -18.48 1.91
CA LYS A 13 13.32 -17.81 0.64
C LYS A 13 12.35 -16.65 0.77
N ASN A 14 11.40 -16.71 1.70
CA ASN A 14 10.42 -15.65 1.88
C ASN A 14 10.88 -14.64 2.92
N LEU A 15 12.10 -14.11 2.74
CA LEU A 15 12.69 -13.23 3.73
C LEU A 15 12.19 -11.80 3.66
N ARG A 16 11.54 -11.42 2.55
CA ARG A 16 11.04 -10.05 2.43
C ARG A 16 9.81 -9.82 3.29
N ASN A 17 8.90 -10.80 3.33
CA ASN A 17 7.70 -10.64 4.14
C ASN A 17 7.99 -10.66 5.64
N TYR A 18 8.96 -11.47 6.07
CA TYR A 18 9.31 -11.55 7.47
C TYR A 18 10.10 -10.35 7.95
N TYR A 19 10.64 -9.54 7.06
CA TYR A 19 11.40 -8.35 7.44
C TYR A 19 10.53 -7.11 7.55
N LEU A 20 9.26 -7.18 7.15
CA LEU A 20 8.34 -6.06 7.29
C LEU A 20 7.39 -6.24 8.46
N TYR A 21 7.61 -7.26 9.29
CA TYR A 21 6.85 -7.48 10.50
C TYR A 21 7.66 -7.18 11.75
N VAL A 22 8.89 -7.73 11.81
CA VAL A 22 9.78 -7.44 12.93
C VAL A 22 10.14 -5.96 12.96
N PHE A 23 10.13 -5.28 11.82
CA PHE A 23 10.43 -3.85 11.78
C PHE A 23 9.36 -3.05 12.53
N ALA A 24 8.08 -3.33 12.23
CA ALA A 24 7.00 -2.66 12.95
C ALA A 24 7.04 -3.01 14.43
N LEU A 25 7.21 -4.30 14.73
CA LEU A 25 7.29 -4.73 16.12
C LEU A 25 8.47 -4.11 16.84
N ILE A 26 9.50 -3.67 16.11
CA ILE A 26 10.63 -3.01 16.74
C ILE A 26 10.30 -1.56 17.04
N PHE A 27 9.86 -0.79 16.02
CA PHE A 27 9.78 0.63 16.30
C PHE A 27 8.54 1.00 17.13
N SER A 28 7.50 0.18 17.15
CA SER A 28 6.40 0.44 18.07
C SER A 28 6.87 0.41 19.53
N VAL A 29 7.65 -0.62 19.88
CA VAL A 29 8.21 -0.71 21.22
C VAL A 29 9.21 0.42 21.45
N ALA A 30 10.03 0.74 20.45
CA ALA A 30 11.01 1.81 20.62
C ALA A 30 10.32 3.15 20.89
N LEU A 31 9.09 3.33 20.41
CA LEU A 31 8.34 4.54 20.74
C LEU A 31 7.73 4.47 22.14
N TYR A 32 7.06 3.36 22.44
CA TYR A 32 6.32 3.30 23.71
C TYR A 32 7.26 3.34 24.91
N PHE A 33 8.37 2.63 24.85
CA PHE A 33 9.29 2.63 25.98
C PHE A 33 9.90 4.01 26.21
N ALA A 34 10.21 4.73 25.13
CA ALA A 34 10.73 6.08 25.27
C ALA A 34 9.70 7.00 25.92
N PHE A 35 8.44 6.88 25.52
CA PHE A 35 7.42 7.72 26.15
C PHE A 35 7.29 7.40 27.63
N VAL A 36 7.30 6.11 27.98
CA VAL A 36 7.15 5.73 29.38
C VAL A 36 8.33 6.21 30.21
N THR A 37 9.55 6.06 29.68
CA THR A 37 10.72 6.49 30.46
C THR A 37 10.77 8.00 30.58
N LEU A 38 10.18 8.73 29.64
CA LEU A 38 10.00 10.16 29.86
C LEU A 38 9.00 10.43 30.97
N GLN A 39 7.89 9.70 30.97
CA GLN A 39 6.85 9.94 31.98
C GLN A 39 7.37 9.67 33.39
N TYR A 40 8.14 8.60 33.57
CA TYR A 40 8.67 8.24 34.89
C TYR A 40 10.06 8.85 35.02
N ASP A 41 10.12 9.99 35.70
CA ASP A 41 11.37 10.72 35.89
C ASP A 41 11.16 11.63 37.11
N PRO A 42 12.08 11.62 38.08
CA PRO A 42 11.88 12.47 39.27
C PRO A 42 11.72 13.94 38.95
N ALA A 43 12.38 14.45 37.91
CA ALA A 43 12.34 15.88 37.62
C ALA A 43 10.98 16.35 37.13
N ILE A 44 10.06 15.45 36.79
CA ILE A 44 8.76 15.84 36.27
C ILE A 44 7.72 15.99 37.37
N ASN A 45 8.04 15.63 38.61
CA ASN A 45 7.04 15.70 39.68
C ASN A 45 6.58 17.12 39.94
N GLU A 46 7.43 18.11 39.66
CA GLU A 46 7.00 19.50 39.77
C GLU A 46 5.88 19.81 38.79
N VAL A 47 6.01 19.33 37.55
CA VAL A 47 4.94 19.47 36.57
C VAL A 47 3.73 18.63 36.96
N LYS A 48 3.93 17.54 37.70
CA LYS A 48 2.83 16.70 38.14
C LYS A 48 1.97 17.47 39.14
N ALA A 49 0.92 16.79 39.63
CA ALA A 49 -0.10 17.39 40.49
C ALA A 49 -0.73 18.54 39.72
N SER A 50 -0.67 19.78 40.23
CA SER A 50 -1.26 20.94 39.54
C SER A 50 -2.75 20.67 39.30
N ILE A 51 -3.32 21.28 38.28
CA ILE A 51 -4.70 21.05 37.86
C ILE A 51 -4.76 20.63 36.40
N LYS A 52 -4.07 21.36 35.53
CA LYS A 52 -4.07 21.08 34.10
C LYS A 52 -2.98 20.08 33.73
N GLY A 53 -1.83 20.13 34.42
CA GLY A 53 -0.71 19.30 34.03
C GLY A 53 -0.98 17.82 34.16
N ALA A 54 -1.61 17.41 35.26
CA ALA A 54 -1.84 15.99 35.50
C ALA A 54 -2.89 15.40 34.57
N ALA A 55 -3.79 16.23 34.03
CA ALA A 55 -4.82 15.70 33.14
C ALA A 55 -4.23 15.22 31.82
N ALA A 56 -3.14 15.84 31.37
CA ALA A 56 -2.53 15.43 30.09
C ALA A 56 -1.99 14.01 30.16
N ILE A 57 -1.35 13.65 31.28
CA ILE A 57 -0.79 12.32 31.43
C ILE A 57 -1.85 11.23 31.39
N LYS A 58 -3.03 11.50 31.94
CA LYS A 58 -4.10 10.51 31.95
C LYS A 58 -4.64 10.20 30.55
N THR A 59 -4.57 11.17 29.62
CA THR A 59 -5.07 10.91 28.29
C THR A 59 -3.98 10.44 27.32
N ALA A 60 -2.75 10.92 27.47
CA ALA A 60 -1.67 10.42 26.62
C ALA A 60 -1.43 8.93 26.86
N SER A 61 -1.55 8.51 28.12
CA SER A 61 -1.31 7.12 28.51
C SER A 61 -2.26 6.16 27.84
N ILE A 62 -3.44 6.62 27.40
CA ILE A 62 -4.37 5.74 26.71
C ILE A 62 -4.25 5.95 25.21
N LEU A 63 -3.92 7.18 24.79
CA LEU A 63 -3.82 7.45 23.36
C LEU A 63 -2.68 6.64 22.74
N LEU A 64 -1.50 6.65 23.37
CA LEU A 64 -0.38 5.91 22.79
C LEU A 64 -0.66 4.42 22.78
N VAL A 65 -1.28 3.89 23.83
CA VAL A 65 -1.61 2.47 23.88
C VAL A 65 -2.53 2.10 22.73
N ALA A 66 -3.59 2.91 22.53
CA ALA A 66 -4.53 2.61 21.45
C ALA A 66 -3.85 2.65 20.09
N VAL A 67 -3.02 3.68 19.85
CA VAL A 67 -2.38 3.81 18.55
C VAL A 67 -1.46 2.61 18.28
N VAL A 68 -0.64 2.25 19.26
CA VAL A 68 0.30 1.15 19.06
C VAL A 68 -0.45 -0.17 18.85
N ALA A 69 -1.50 -0.42 19.64
CA ALA A 69 -2.26 -1.65 19.47
C ALA A 69 -2.88 -1.74 18.08
N ILE A 70 -3.48 -0.65 17.61
CA ILE A 70 -4.13 -0.68 16.30
C ILE A 70 -3.10 -0.93 15.20
N PHE A 71 -1.95 -0.24 15.27
CA PHE A 71 -0.94 -0.43 14.24
C PHE A 71 -0.41 -1.86 14.23
N ILE A 72 -0.14 -2.42 15.41
CA ILE A 72 0.40 -3.78 15.45
C ILE A 72 -0.61 -4.78 14.92
N LEU A 73 -1.89 -4.60 15.27
CA LEU A 73 -2.91 -5.52 14.77
C LEU A 73 -3.04 -5.44 13.25
N TYR A 74 -2.98 -4.22 12.69
CA TYR A 74 -3.04 -4.11 11.23
C TYR A 74 -1.85 -4.80 10.57
N ALA A 75 -0.64 -4.60 11.12
CA ALA A 75 0.54 -5.24 10.54
C ALA A 75 0.42 -6.75 10.60
N ASN A 76 -0.06 -7.29 11.72
CA ASN A 76 -0.23 -8.73 11.83
C ASN A 76 -1.26 -9.25 10.83
N THR A 77 -2.35 -8.51 10.64
CA THR A 77 -3.36 -8.95 9.68
C THR A 77 -2.78 -9.01 8.27
N ILE A 78 -1.99 -8.00 7.88
CA ILE A 78 -1.35 -8.06 6.57
C ILE A 78 -0.39 -9.23 6.49
N PHE A 79 0.37 -9.48 7.55
CA PHE A 79 1.33 -10.59 7.54
C PHE A 79 0.64 -11.93 7.35
N ILE A 80 -0.48 -12.15 8.03
CA ILE A 80 -1.20 -13.41 7.87
C ILE A 80 -1.82 -13.50 6.48
N LYS A 81 -2.45 -12.43 6.01
CA LYS A 81 -3.10 -12.49 4.69
C LYS A 81 -2.11 -12.62 3.55
N ARG A 82 -0.84 -12.28 3.78
CA ARG A 82 0.14 -12.34 2.69
C ARG A 82 0.36 -13.76 2.20
N ARG A 83 0.48 -14.73 3.12
CA ARG A 83 0.73 -16.10 2.68
C ARG A 83 -0.56 -16.79 2.28
N SER A 84 -1.42 -17.10 3.25
CA SER A 84 -2.80 -17.57 3.05
C SER A 84 -2.89 -18.69 2.01
N LYS A 85 -1.77 -19.34 1.69
CA LYS A 85 -1.70 -20.41 0.72
C LYS A 85 -1.17 -21.69 1.32
N GLU A 86 -0.11 -21.59 2.12
CA GLU A 86 0.38 -22.73 2.88
C GLU A 86 -0.70 -23.27 3.81
N ILE A 87 -1.54 -22.39 4.36
CA ILE A 87 -2.61 -22.83 5.24
C ILE A 87 -3.59 -23.72 4.48
N GLY A 88 -4.00 -23.29 3.29
CA GLY A 88 -4.91 -24.10 2.49
C GLY A 88 -4.28 -25.40 2.05
N LEU A 89 -3.01 -25.35 1.65
CA LEU A 89 -2.33 -26.58 1.23
C LEU A 89 -2.22 -27.56 2.38
N PHE A 90 -1.88 -27.08 3.58
CA PHE A 90 -1.81 -27.94 4.74
C PHE A 90 -3.18 -28.52 5.08
N GLN A 91 -4.23 -27.71 4.97
CA GLN A 91 -5.57 -28.21 5.23
C GLN A 91 -5.95 -29.32 4.25
N LEU A 92 -5.54 -29.17 2.99
CA LEU A 92 -5.80 -30.22 2.01
C LEU A 92 -4.99 -31.48 2.31
N ILE A 93 -3.75 -31.32 2.78
CA ILE A 93 -2.88 -32.47 3.01
C ILE A 93 -3.45 -33.39 4.08
N GLY A 94 -4.03 -32.83 5.13
CA GLY A 94 -4.60 -33.65 6.18
C GLY A 94 -4.55 -33.08 7.58
N MET A 95 -3.87 -31.95 7.76
CA MET A 95 -3.85 -31.31 9.07
C MET A 95 -5.24 -30.80 9.43
N THR A 96 -5.56 -30.84 10.72
CA THR A 96 -6.74 -30.17 11.23
C THR A 96 -6.44 -28.70 11.45
N LYS A 97 -7.49 -27.92 11.75
CA LYS A 97 -7.30 -26.50 12.00
C LYS A 97 -6.49 -26.26 13.27
N HIS A 98 -6.68 -27.11 14.27
CA HIS A 98 -6.02 -26.90 15.57
C HIS A 98 -4.51 -26.97 15.44
N LYS A 99 -4.00 -27.93 14.65
CA LYS A 99 -2.55 -28.04 14.49
C LYS A 99 -1.96 -26.81 13.82
N ILE A 100 -2.65 -26.29 12.80
CA ILE A 100 -2.20 -25.08 12.13
C ILE A 100 -2.19 -23.91 13.11
N PHE A 101 -3.24 -23.80 13.93
CA PHE A 101 -3.29 -22.73 14.92
C PHE A 101 -2.14 -22.83 15.90
N ARG A 102 -1.83 -24.04 16.36
CA ARG A 102 -0.72 -24.22 17.31
C ARG A 102 0.61 -23.85 16.68
N ILE A 103 0.83 -24.27 15.43
CA ILE A 103 2.09 -23.95 14.76
C ILE A 103 2.24 -22.44 14.59
N LEU A 104 1.17 -21.78 14.14
CA LEU A 104 1.22 -20.33 13.98
C LEU A 104 1.47 -19.64 15.30
N SER A 105 0.82 -20.11 16.38
CA SER A 105 1.01 -19.48 17.68
C SER A 105 2.43 -19.66 18.19
N ALA A 106 3.03 -20.84 18.00
CA ALA A 106 4.40 -21.03 18.45
C ALA A 106 5.36 -20.12 17.70
N GLU A 107 5.23 -20.07 16.37
CA GLU A 107 6.09 -19.19 15.59
C GLU A 107 5.91 -17.73 16.01
N ASN A 108 4.66 -17.33 16.24
CA ASN A 108 4.38 -15.95 16.65
C ASN A 108 4.97 -15.65 18.01
N VAL A 109 4.89 -16.59 18.96
CA VAL A 109 5.51 -16.39 20.27
C VAL A 109 7.00 -16.12 20.10
N MET A 110 7.67 -16.99 19.35
CA MET A 110 9.12 -16.83 19.18
C MET A 110 9.45 -15.47 18.58
N LEU A 111 8.84 -15.14 17.44
CA LEU A 111 9.16 -13.91 16.75
C LEU A 111 8.82 -12.68 17.60
N TYR A 112 7.64 -12.68 18.21
CA TYR A 112 7.17 -11.52 18.95
C TYR A 112 8.02 -11.25 20.18
N PHE A 113 8.38 -12.30 20.94
CA PHE A 113 9.19 -12.07 22.13
C PHE A 113 10.61 -11.69 21.76
N GLY A 114 11.16 -12.29 20.70
CA GLY A 114 12.47 -11.83 20.23
C GLY A 114 12.46 -10.36 19.85
N SER A 115 11.41 -9.93 19.15
CA SER A 115 11.33 -8.53 18.75
C SER A 115 11.10 -7.61 19.92
N LEU A 116 10.34 -8.05 20.93
CA LEU A 116 10.16 -7.23 22.13
C LEU A 116 11.48 -7.06 22.87
N ALA A 117 12.28 -8.13 22.96
CA ALA A 117 13.59 -8.00 23.60
C ALA A 117 14.49 -7.06 22.81
N ILE A 118 14.46 -7.15 21.48
CA ILE A 118 15.33 -6.30 20.67
C ILE A 118 14.90 -4.84 20.75
N GLY A 119 13.60 -4.59 20.77
CA GLY A 119 13.10 -3.22 20.64
C GLY A 119 13.47 -2.30 21.78
N VAL A 120 13.53 -2.83 23.00
CA VAL A 120 13.80 -1.99 24.17
C VAL A 120 15.17 -1.32 24.04
N ALA A 121 16.16 -2.08 23.60
CA ALA A 121 17.49 -1.50 23.40
C ALA A 121 17.52 -0.47 22.28
N ALA A 122 16.48 -0.41 21.45
CA ALA A 122 16.43 0.59 20.39
C ALA A 122 15.83 1.90 20.88
N GLY A 123 14.82 1.84 21.74
CA GLY A 123 14.19 3.06 22.23
C GLY A 123 15.13 3.87 23.12
N PHE A 124 15.96 3.19 23.92
CA PHE A 124 16.87 3.90 24.81
C PHE A 124 17.86 4.76 24.02
N SER A 125 18.42 4.20 22.94
CA SER A 125 19.37 4.96 22.14
C SER A 125 18.71 6.17 21.50
N ILE A 126 17.48 6.02 21.00
CA ILE A 126 16.78 7.13 20.38
C ILE A 126 16.49 8.22 21.41
N SER A 127 16.06 7.83 22.61
CA SER A 127 15.78 8.81 23.65
C SER A 127 17.03 9.58 24.03
N LYS A 128 18.15 8.87 24.21
CA LYS A 128 19.38 9.55 24.59
C LYS A 128 19.89 10.45 23.46
N LEU A 129 19.74 10.02 22.21
CA LEU A 129 20.16 10.84 21.08
C LEU A 129 19.35 12.12 20.98
N VAL A 130 18.02 12.02 21.18
CA VAL A 130 17.18 13.22 21.14
C VAL A 130 17.53 14.15 22.29
N LEU A 131 17.78 13.59 23.48
CA LEU A 131 18.20 14.41 24.60
C LEU A 131 19.50 15.14 24.29
N MET A 132 20.46 14.45 23.66
CA MET A 132 21.72 15.09 23.30
C MET A 132 21.48 16.23 22.31
N ILE A 133 20.64 16.00 21.31
CA ILE A 133 20.34 17.07 20.35
C ILE A 133 19.78 18.29 21.07
N LEU A 134 18.77 18.07 21.91
CA LEU A 134 18.09 19.19 22.55
C LEU A 134 19.03 19.95 23.48
N PHE A 135 19.87 19.23 24.24
CA PHE A 135 20.78 19.91 25.15
C PHE A 135 21.99 20.52 24.47
N LYS A 136 22.31 20.11 23.24
CA LYS A 136 23.54 20.58 22.59
C LYS A 136 23.29 21.65 21.54
N ILE A 137 22.41 21.39 20.57
CA ILE A 137 22.27 22.27 19.42
C ILE A 137 20.99 23.09 19.47
N VAL A 138 20.37 23.20 20.65
CA VAL A 138 19.24 24.11 20.85
C VAL A 138 19.58 25.02 22.02
N ASP A 139 20.42 24.52 22.93
CA ASP A 139 20.94 25.28 24.07
C ASP A 139 19.81 25.78 24.98
N VAL A 140 19.13 24.82 25.60
CA VAL A 140 18.12 25.10 26.61
C VAL A 140 18.62 24.57 27.95
N LYS A 141 17.98 25.03 29.02
CA LYS A 141 18.33 24.62 30.38
C LYS A 141 17.12 23.94 31.00
N ALA A 142 17.27 22.67 31.38
CA ALA A 142 16.18 21.92 31.98
C ALA A 142 16.64 21.20 33.24
N ASP A 143 17.94 20.88 33.31
CA ASP A 143 18.52 20.18 34.45
C ASP A 143 17.82 18.84 34.71
N ALA A 144 17.43 18.15 33.65
CA ALA A 144 16.76 16.86 33.75
C ALA A 144 17.58 15.79 33.03
N LYS A 145 17.55 14.58 33.57
CA LYS A 145 18.27 13.45 33.01
C LYS A 145 17.35 12.24 32.94
N LEU A 146 17.56 11.41 31.92
CA LEU A 146 16.79 10.20 31.72
C LEU A 146 17.62 8.99 32.12
N HIS A 147 17.09 8.18 33.02
CA HIS A 147 17.74 6.97 33.50
C HIS A 147 16.98 5.74 33.04
N PHE A 148 17.63 4.58 33.14
CA PHE A 148 17.03 3.35 32.66
C PHE A 148 15.77 3.00 33.44
N SER A 149 15.80 3.21 34.77
CA SER A 149 14.65 2.96 35.64
C SER A 149 14.24 1.49 35.65
N GLU A 150 13.24 1.14 36.46
CA GLU A 150 12.79 -0.24 36.58
C GLU A 150 11.29 -0.42 36.40
N GLN A 151 10.47 0.61 36.64
CA GLN A 151 9.04 0.46 36.41
C GLN A 151 8.71 0.49 34.92
N ALA A 152 9.56 1.12 34.12
CA ALA A 152 9.31 1.22 32.68
C ALA A 152 9.28 -0.15 32.03
N LEU A 153 10.19 -1.03 32.40
CA LEU A 153 10.22 -2.37 31.81
C LEU A 153 8.94 -3.13 32.12
N VAL A 154 8.48 -3.08 33.36
CA VAL A 154 7.23 -3.75 33.73
C VAL A 154 6.06 -3.15 32.95
N GLN A 155 6.02 -1.82 32.85
CA GLN A 155 4.93 -1.17 32.14
C GLN A 155 4.91 -1.56 30.66
N THR A 156 6.09 -1.71 30.05
CA THR A 156 6.14 -2.13 28.66
C THR A 156 5.72 -3.59 28.51
N VAL A 157 6.25 -4.46 29.38
CA VAL A 157 6.05 -5.89 29.21
C VAL A 157 4.60 -6.27 29.45
N ILE A 158 3.94 -5.66 30.45
CA ILE A 158 2.56 -6.03 30.74
C ILE A 158 1.66 -5.72 29.54
N VAL A 159 1.80 -4.52 28.98
CA VAL A 159 0.95 -4.13 27.86
C VAL A 159 1.26 -4.97 26.62
N PHE A 160 2.55 -5.18 26.32
CA PHE A 160 2.89 -5.93 25.12
C PHE A 160 2.68 -7.43 25.28
N CYS A 161 2.43 -7.91 26.50
CA CYS A 161 1.95 -9.28 26.67
C CYS A 161 0.44 -9.36 26.64
N GLY A 162 -0.25 -8.28 26.99
CA GLY A 162 -1.69 -8.25 26.85
C GLY A 162 -2.14 -8.11 25.41
N ILE A 163 -1.32 -7.46 24.57
CA ILE A 163 -1.64 -7.35 23.15
C ILE A 163 -1.62 -8.72 22.47
N TYR A 164 -0.79 -9.63 22.97
CA TYR A 164 -0.68 -10.95 22.36
C TYR A 164 -2.00 -11.71 22.38
N LEU A 165 -2.82 -11.48 23.40
CA LEU A 165 -4.13 -12.14 23.44
C LEU A 165 -5.01 -11.68 22.27
N LEU A 166 -5.02 -10.37 21.99
CA LEU A 166 -5.77 -9.87 20.85
C LEU A 166 -5.23 -10.44 19.55
N ILE A 167 -3.90 -10.50 19.41
CA ILE A 167 -3.32 -11.04 18.18
C ILE A 167 -3.73 -12.50 17.99
N MET A 168 -3.66 -13.29 19.07
CA MET A 168 -4.05 -14.69 18.98
C MET A 168 -5.52 -14.84 18.64
N ILE A 169 -6.37 -14.00 19.22
CA ILE A 169 -7.80 -14.07 18.91
C ILE A 169 -8.04 -13.78 17.44
N MET A 170 -7.38 -12.76 16.90
CA MET A 170 -7.55 -12.44 15.48
C MET A 170 -7.09 -13.58 14.60
N ASN A 171 -5.92 -14.17 14.90
CA ASN A 171 -5.43 -15.27 14.08
C ASN A 171 -6.36 -16.48 14.14
N TYR A 172 -6.86 -16.81 15.34
CA TYR A 172 -7.74 -17.96 15.48
C TYR A 172 -9.06 -17.75 14.74
N THR A 173 -9.64 -16.55 14.84
CA THR A 173 -10.89 -16.32 14.15
C THR A 173 -10.69 -16.28 12.63
N PHE A 174 -9.54 -15.79 12.16
CA PHE A 174 -9.27 -15.84 10.73
C PHE A 174 -9.14 -17.27 10.24
N ILE A 175 -8.44 -18.12 11.00
CA ILE A 175 -8.31 -19.52 10.61
C ILE A 175 -9.66 -20.21 10.58
N LYS A 176 -10.48 -19.96 11.60
CA LYS A 176 -11.78 -20.62 11.67
C LYS A 176 -12.71 -20.16 10.55
N LYS A 177 -12.74 -18.87 10.25
CA LYS A 177 -13.70 -18.33 9.30
C LYS A 177 -13.15 -18.29 7.88
N GLN A 178 -12.68 -19.44 7.38
CA GLN A 178 -12.22 -19.56 6.01
C GLN A 178 -12.56 -20.95 5.49
N SER A 179 -12.67 -21.06 4.17
CA SER A 179 -12.87 -22.34 3.52
C SER A 179 -11.57 -22.82 2.90
N ILE A 180 -11.52 -24.11 2.59
CA ILE A 180 -10.31 -24.70 2.02
C ILE A 180 -10.06 -24.24 0.59
N LEU A 181 -11.03 -23.59 -0.04
CA LEU A 181 -10.89 -23.10 -1.40
C LEU A 181 -10.70 -21.60 -1.49
N SER A 182 -11.34 -20.81 -0.62
CA SER A 182 -11.19 -19.36 -0.66
C SER A 182 -9.78 -18.92 -0.33
N LEU A 183 -9.01 -19.73 0.40
CA LEU A 183 -7.64 -19.35 0.73
C LEU A 183 -6.76 -19.32 -0.53
N PHE A 184 -7.10 -20.10 -1.55
CA PHE A 184 -6.25 -20.18 -2.73
C PHE A 184 -6.25 -18.86 -3.50
N LYS A 185 -7.40 -18.20 -3.61
CA LYS A 185 -7.56 -17.03 -4.46
C LYS A 185 -7.80 -15.74 -3.68
N VAL A 186 -7.46 -15.72 -2.39
CA VAL A 186 -7.63 -14.49 -1.62
C VAL A 186 -6.48 -13.51 -1.85
N THR A 187 -5.33 -14.00 -2.32
CA THR A 187 -4.21 -13.10 -2.60
C THR A 187 -4.51 -12.18 -3.78
N SER A 188 -5.36 -12.61 -4.70
CA SER A 188 -5.69 -11.85 -5.91
C SER A 188 -7.19 -11.66 -6.04
N SER A 189 -7.83 -11.27 -4.94
CA SER A 189 -9.26 -11.02 -4.91
C SER A 189 -9.52 -9.57 -4.52
N THR A 190 -10.49 -8.96 -5.19
CA THR A 190 -10.79 -7.55 -4.96
C THR A 190 -11.43 -7.34 -3.59
N GLU A 191 -11.31 -6.12 -3.08
CA GLU A 191 -11.93 -5.74 -1.82
C GLU A 191 -13.13 -4.81 -1.99
N ASP A 192 -13.22 -4.10 -3.10
CA ASP A 192 -14.39 -3.26 -3.37
C ASP A 192 -15.56 -4.18 -3.71
N LYS A 193 -16.43 -4.42 -2.73
CA LYS A 193 -17.49 -5.42 -2.85
C LYS A 193 -18.84 -4.82 -3.21
N VAL A 194 -18.91 -3.53 -3.47
CA VAL A 194 -20.18 -2.87 -3.80
C VAL A 194 -20.35 -2.69 -5.30
N LYS A 195 -19.35 -2.13 -5.98
CA LYS A 195 -19.38 -1.93 -7.44
C LYS A 195 -20.63 -1.17 -7.88
N LYS A 196 -21.02 -0.16 -7.09
CA LYS A 196 -22.20 0.63 -7.39
C LYS A 196 -21.95 2.06 -6.93
N ILE A 197 -23.01 2.87 -6.95
CA ILE A 197 -22.92 4.23 -6.43
C ILE A 197 -23.02 4.23 -4.90
N SER A 198 -24.09 3.63 -4.37
CA SER A 198 -24.24 3.38 -2.94
C SER A 198 -24.15 4.68 -2.13
N PHE A 199 -25.17 5.52 -2.31
CA PHE A 199 -25.24 6.83 -1.68
C PHE A 199 -25.01 6.78 -0.17
N PHE A 200 -25.09 5.58 0.42
CA PHE A 200 -24.82 5.42 1.85
C PHE A 200 -23.41 5.90 2.21
N GLN A 201 -22.45 5.73 1.31
CA GLN A 201 -21.09 6.18 1.58
C GLN A 201 -21.02 7.70 1.73
N MET A 202 -21.84 8.43 0.96
CA MET A 202 -21.90 9.87 1.12
C MET A 202 -22.42 10.24 2.51
N LEU A 203 -23.42 9.50 3.01
CA LEU A 203 -23.91 9.73 4.36
C LEU A 203 -22.81 9.46 5.40
N ILE A 204 -22.04 8.40 5.20
CA ILE A 204 -20.94 8.10 6.12
C ILE A 204 -19.92 9.25 6.12
N GLY A 205 -19.58 9.75 4.94
CA GLY A 205 -18.66 10.88 4.86
C GLY A 205 -19.22 12.11 5.55
N ALA A 206 -20.52 12.35 5.40
CA ALA A 206 -21.14 13.49 6.08
C ALA A 206 -21.05 13.37 7.59
N LEU A 207 -21.31 12.16 8.12
CA LEU A 207 -21.16 11.97 9.56
C LEU A 207 -19.72 12.18 10.00
N GLY A 208 -18.76 11.72 9.21
CA GLY A 208 -17.36 11.96 9.56
C GLY A 208 -17.03 13.44 9.63
N ILE A 209 -17.50 14.21 8.65
CA ILE A 209 -17.25 15.65 8.65
C ILE A 209 -17.91 16.31 9.86
N VAL A 210 -19.14 15.91 10.17
CA VAL A 210 -19.84 16.50 11.30
C VAL A 210 -19.10 16.22 12.61
N LEU A 211 -18.61 14.99 12.77
CA LEU A 211 -17.86 14.65 13.98
C LEU A 211 -16.58 15.46 14.08
N ILE A 212 -15.87 15.63 12.97
CA ILE A 212 -14.65 16.43 13.01
C ILE A 212 -14.97 17.87 13.40
N LEU A 213 -16.04 18.43 12.83
CA LEU A 213 -16.39 19.82 13.13
C LEU A 213 -16.80 20.01 14.59
N THR A 214 -17.58 19.07 15.14
CA THR A 214 -17.97 19.23 16.54
C THR A 214 -16.78 19.04 17.47
N GLY A 215 -15.83 18.17 17.11
CA GLY A 215 -14.61 18.08 17.89
C GLY A 215 -13.82 19.37 17.88
N TYR A 216 -13.72 19.99 16.70
CA TYR A 216 -13.05 21.29 16.61
C TYR A 216 -13.75 22.33 17.50
N TYR A 217 -15.08 22.38 17.43
CA TYR A 217 -15.81 23.39 18.19
C TYR A 217 -15.64 23.20 19.68
N VAL A 218 -15.69 21.95 20.16
CA VAL A 218 -15.48 21.71 21.58
C VAL A 218 -14.05 22.07 21.98
N SER A 219 -13.08 21.79 21.09
CA SER A 219 -11.69 22.16 21.39
C SER A 219 -11.51 23.66 21.44
N SER A 220 -12.33 24.43 20.72
CA SER A 220 -12.18 25.87 20.71
C SER A 220 -12.51 26.51 22.05
N GLU A 221 -13.23 25.80 22.91
CA GLU A 221 -13.70 26.37 24.17
C GLU A 221 -13.27 25.48 25.33
N LEU A 222 -11.99 25.10 25.37
CA LEU A 222 -11.50 24.20 26.39
C LEU A 222 -10.96 24.96 27.60
N PHE A 223 -9.96 25.81 27.38
CA PHE A 223 -9.36 26.53 28.49
C PHE A 223 -10.06 27.87 28.71
N GLY A 224 -10.36 28.17 29.97
CA GLY A 224 -11.05 29.41 30.30
C GLY A 224 -12.55 29.30 30.18
N GLY A 225 -13.11 28.19 30.67
CA GLY A 225 -14.53 27.97 30.58
C GLY A 225 -15.12 27.24 31.76
N LYS A 226 -15.96 26.23 31.49
CA LYS A 226 -16.62 25.48 32.55
C LYS A 226 -15.76 24.36 33.11
N PHE A 227 -14.56 24.16 32.60
CA PHE A 227 -13.69 23.07 33.03
C PHE A 227 -12.71 23.59 34.08
N LYS A 228 -12.88 23.14 35.31
CA LYS A 228 -12.01 23.54 36.42
C LYS A 228 -11.42 22.38 37.18
N THR A 229 -12.18 21.30 37.38
CA THR A 229 -11.75 20.17 38.19
C THR A 229 -10.90 19.21 37.34
N ILE A 230 -9.93 18.57 37.99
CA ILE A 230 -9.02 17.66 37.30
C ILE A 230 -9.74 16.47 36.70
N ASN A 231 -10.96 16.17 37.15
CA ASN A 231 -11.77 15.12 36.57
C ASN A 231 -12.66 15.62 35.44
N GLU A 232 -12.56 16.90 35.09
CA GLU A 232 -13.32 17.49 34.00
C GLU A 232 -12.49 17.71 32.74
N LEU A 233 -11.24 18.13 32.87
CA LEU A 233 -10.39 18.33 31.71
C LEU A 233 -10.06 17.00 31.03
N PHE A 234 -9.88 15.94 31.83
CA PHE A 234 -9.55 14.64 31.25
C PHE A 234 -10.65 14.14 30.33
N VAL A 235 -11.91 14.28 30.75
CA VAL A 235 -13.03 13.82 29.93
C VAL A 235 -13.11 14.61 28.64
N ALA A 236 -12.95 15.93 28.72
CA ALA A 236 -13.02 16.76 27.51
C ALA A 236 -11.89 16.42 26.55
N MET A 237 -10.67 16.24 27.06
CA MET A 237 -9.55 15.87 26.21
C MET A 237 -9.79 14.51 25.55
N SER A 238 -10.29 13.54 26.30
CA SER A 238 -10.58 12.23 25.72
C SER A 238 -11.64 12.34 24.63
N PHE A 239 -12.70 13.11 24.89
CA PHE A 239 -13.77 13.24 23.92
C PHE A 239 -13.28 13.89 22.63
N ILE A 240 -12.46 14.94 22.76
CA ILE A 240 -11.95 15.62 21.56
C ILE A 240 -11.04 14.69 20.77
N LEU A 241 -10.09 14.07 21.45
CA LEU A 241 -9.12 13.23 20.75
C LEU A 241 -9.72 11.93 20.25
N GLY A 242 -10.91 11.56 20.70
CA GLY A 242 -11.58 10.42 20.12
C GLY A 242 -12.44 10.83 18.93
N SER A 243 -13.15 11.94 19.07
CA SER A 243 -14.03 12.41 18.00
C SER A 243 -13.24 12.74 16.76
N VAL A 244 -12.08 13.39 16.90
CA VAL A 244 -11.31 13.75 15.71
C VAL A 244 -10.89 12.51 14.94
N ILE A 245 -10.36 11.51 15.64
CA ILE A 245 -9.86 10.31 14.95
C ILE A 245 -11.00 9.52 14.31
N ILE A 246 -12.11 9.34 15.04
CA ILE A 246 -13.23 8.61 14.48
C ILE A 246 -13.79 9.34 13.26
N GLY A 247 -13.89 10.67 13.34
CA GLY A 247 -14.38 11.43 12.20
C GLY A 247 -13.47 11.31 10.99
N THR A 248 -12.15 11.37 11.20
CA THR A 248 -11.23 11.21 10.08
C THR A 248 -11.36 9.82 9.45
N PHE A 249 -11.43 8.78 10.28
CA PHE A 249 -11.55 7.44 9.73
C PHE A 249 -12.84 7.25 8.94
N LEU A 250 -13.96 7.75 9.49
CA LEU A 250 -15.21 7.63 8.75
C LEU A 250 -15.23 8.52 7.51
N PHE A 251 -14.45 9.60 7.49
CA PHE A 251 -14.41 10.46 6.31
C PHE A 251 -13.61 9.82 5.18
N TYR A 252 -12.50 9.15 5.50
CA TYR A 252 -11.70 8.54 4.45
C TYR A 252 -12.41 7.36 3.80
N LYS A 253 -13.03 6.49 4.60
CA LYS A 253 -13.60 5.26 4.07
C LYS A 253 -14.82 5.55 3.19
N GLY A 254 -15.68 6.46 3.61
CA GLY A 254 -16.92 6.73 2.91
C GLY A 254 -16.83 7.71 1.76
N SER A 255 -15.69 8.33 1.54
CA SER A 255 -15.54 9.32 0.48
C SER A 255 -14.76 8.81 -0.73
N VAL A 256 -13.68 8.05 -0.51
CA VAL A 256 -12.90 7.52 -1.62
C VAL A 256 -13.74 6.54 -2.44
N THR A 257 -14.51 5.68 -1.76
CA THR A 257 -15.30 4.68 -2.45
C THR A 257 -16.47 5.26 -3.24
N PHE A 258 -16.76 6.55 -3.07
CA PHE A 258 -17.82 7.20 -3.83
C PHE A 258 -17.30 7.95 -5.05
N ILE A 259 -16.31 8.83 -4.86
CA ILE A 259 -15.72 9.53 -5.99
C ILE A 259 -14.85 8.62 -6.83
N SER A 260 -14.49 7.44 -6.32
CA SER A 260 -13.77 6.46 -7.12
C SER A 260 -14.69 5.51 -7.86
N ASN A 261 -15.98 5.51 -7.54
CA ASN A 261 -16.95 4.76 -8.32
C ASN A 261 -17.64 5.65 -9.35
N ILE A 262 -17.92 6.90 -8.99
CA ILE A 262 -18.57 7.80 -9.93
C ILE A 262 -17.67 8.12 -11.12
N ILE A 263 -16.36 7.96 -10.97
CA ILE A 263 -15.45 8.18 -12.10
C ILE A 263 -15.47 6.97 -13.03
N ARG A 264 -15.32 5.77 -12.48
CA ARG A 264 -15.24 4.58 -13.32
C ARG A 264 -16.57 4.30 -14.01
N LYS A 265 -17.69 4.48 -13.30
CA LYS A 265 -18.98 4.16 -13.90
C LYS A 265 -19.34 5.12 -15.02
N SER A 266 -18.80 6.34 -15.00
CA SER A 266 -19.08 7.33 -16.02
C SER A 266 -18.21 7.17 -17.25
N LYS A 267 -17.29 6.20 -17.26
CA LYS A 267 -16.43 5.96 -18.41
C LYS A 267 -16.91 4.82 -19.29
N GLY A 268 -17.65 3.86 -18.73
CA GLY A 268 -18.07 2.68 -19.49
C GLY A 268 -16.98 1.63 -19.53
N GLY A 269 -15.74 2.09 -19.48
CA GLY A 269 -14.56 1.25 -19.41
C GLY A 269 -13.77 1.28 -20.70
N TYR A 270 -12.80 2.17 -20.76
CA TYR A 270 -11.89 2.25 -21.91
C TYR A 270 -10.46 2.18 -21.38
N LEU A 271 -10.18 3.00 -20.37
CA LEU A 271 -9.01 2.88 -19.50
C LEU A 271 -7.69 2.76 -20.28
N ASN A 272 -7.32 3.88 -20.92
CA ASN A 272 -5.98 4.03 -21.44
C ASN A 272 -4.95 3.88 -20.32
N ILE A 273 -3.68 3.77 -20.69
CA ILE A 273 -2.62 3.53 -19.70
C ILE A 273 -2.18 4.91 -19.20
N SER A 274 -3.04 5.51 -18.40
CA SER A 274 -2.70 6.52 -17.41
C SER A 274 -3.52 6.35 -16.16
N GLU A 275 -4.58 5.54 -16.21
CA GLU A 275 -5.45 5.27 -15.08
C GLU A 275 -5.34 3.84 -14.58
N VAL A 276 -4.88 2.91 -15.41
CA VAL A 276 -4.74 1.52 -15.00
C VAL A 276 -3.78 1.40 -13.82
N LEU A 277 -2.83 2.33 -13.71
CA LEU A 277 -1.87 2.33 -12.62
C LEU A 277 -2.18 3.34 -11.52
N SER A 278 -3.29 4.06 -11.63
CA SER A 278 -3.58 5.10 -10.63
C SER A 278 -4.94 4.96 -9.99
N LEU A 279 -5.96 4.54 -10.74
CA LEU A 279 -7.31 4.37 -10.21
C LEU A 279 -7.63 2.92 -9.88
N SER A 280 -7.18 2.00 -10.72
CA SER A 280 -7.46 0.58 -10.49
C SER A 280 -6.78 0.10 -9.21
N SER A 281 -5.56 0.56 -8.93
CA SER A 281 -4.86 0.11 -7.74
C SER A 281 -5.58 0.55 -6.47
N ILE A 282 -6.00 1.82 -6.41
CA ILE A 282 -6.66 2.30 -5.21
C ILE A 282 -8.05 1.67 -5.09
N MET A 283 -8.71 1.37 -6.22
CA MET A 283 -9.96 0.63 -6.13
C MET A 283 -9.72 -0.79 -5.62
N PHE A 284 -8.60 -1.39 -6.01
CA PHE A 284 -8.28 -2.74 -5.54
C PHE A 284 -8.03 -2.76 -4.04
N ARG A 285 -7.33 -1.75 -3.52
CA ARG A 285 -6.91 -1.75 -2.13
C ARG A 285 -7.43 -0.54 -1.36
N MET A 286 -8.70 -0.16 -1.55
CA MET A 286 -9.23 0.98 -0.81
C MET A 286 -9.47 0.65 0.65
N LYS A 287 -9.92 -0.57 0.95
CA LYS A 287 -10.36 -0.87 2.31
C LYS A 287 -9.19 -1.00 3.27
N SER A 288 -8.04 -1.49 2.80
CA SER A 288 -6.86 -1.59 3.65
C SER A 288 -6.10 -0.28 3.76
N ASN A 289 -6.35 0.68 2.87
CA ASN A 289 -5.73 1.99 2.96
C ASN A 289 -6.61 3.02 3.66
N ALA A 290 -7.81 2.64 4.10
CA ALA A 290 -8.65 3.54 4.87
C ALA A 290 -8.27 3.58 6.34
N LEU A 291 -7.32 2.75 6.76
CA LEU A 291 -6.83 2.74 8.14
C LEU A 291 -5.39 3.21 8.28
N LEU A 292 -4.56 2.99 7.26
CA LEU A 292 -3.18 3.47 7.33
C LEU A 292 -3.11 5.00 7.18
N LEU A 293 -3.93 5.56 6.30
CA LEU A 293 -3.94 7.00 6.10
C LEU A 293 -4.33 7.72 7.38
N THR A 294 -5.28 7.14 8.14
CA THR A 294 -5.67 7.75 9.41
C THR A 294 -4.49 7.83 10.37
N ILE A 295 -3.72 6.75 10.48
CA ILE A 295 -2.56 6.74 11.37
C ILE A 295 -1.54 7.78 10.92
N ILE A 296 -1.31 7.86 9.61
CA ILE A 296 -0.34 8.83 9.10
C ILE A 296 -0.78 10.25 9.45
N THR A 297 -2.06 10.56 9.24
CA THR A 297 -2.55 11.91 9.55
C THR A 297 -2.41 12.22 11.03
N THR A 298 -2.76 11.26 11.90
CA THR A 298 -2.69 11.53 13.34
C THR A 298 -1.24 11.79 13.77
N VAL A 299 -0.30 10.95 13.32
CA VAL A 299 1.06 11.12 13.77
C VAL A 299 1.67 12.41 13.21
N SER A 300 1.35 12.74 11.96
CA SER A 300 1.85 14.00 11.39
C SER A 300 1.29 15.20 12.13
N ALA A 301 -0.01 15.18 12.47
CA ALA A 301 -0.61 16.28 13.19
C ALA A 301 0.03 16.45 14.56
N LEU A 302 0.26 15.34 15.26
CA LEU A 302 0.89 15.42 16.58
C LEU A 302 2.29 16.04 16.48
N ALA A 303 3.07 15.59 15.50
CA ALA A 303 4.43 16.12 15.35
C ALA A 303 4.41 17.61 15.07
N ILE A 304 3.55 18.03 14.12
CA ILE A 304 3.51 19.45 13.76
C ILE A 304 3.07 20.29 14.96
N GLY A 305 2.04 19.84 15.68
CA GLY A 305 1.57 20.58 16.82
C GLY A 305 2.60 20.76 17.91
N LEU A 306 3.29 19.67 18.28
CA LEU A 306 4.27 19.78 19.35
C LEU A 306 5.44 20.67 18.94
N LEU A 307 5.93 20.51 17.71
CA LEU A 307 7.03 21.38 17.27
C LEU A 307 6.61 22.83 17.22
N SER A 308 5.38 23.10 16.76
CA SER A 308 4.87 24.46 16.71
C SER A 308 4.81 25.07 18.11
N LEU A 309 4.31 24.31 19.08
CA LEU A 309 4.26 24.83 20.44
C LEU A 309 5.64 25.12 21.01
N ALA A 310 6.61 24.23 20.77
CA ALA A 310 7.96 24.48 21.28
C ALA A 310 8.55 25.75 20.66
N TYR A 311 8.38 25.92 19.35
CA TYR A 311 8.92 27.12 18.72
C TYR A 311 8.18 28.38 19.17
N ILE A 312 6.88 28.29 19.43
CA ILE A 312 6.16 29.43 19.98
C ILE A 312 6.76 29.83 21.31
N SER A 313 7.01 28.86 22.19
CA SER A 313 7.60 29.17 23.48
C SER A 313 8.94 29.88 23.32
N TYR A 314 9.83 29.32 22.47
CA TYR A 314 11.16 29.89 22.31
C TYR A 314 11.10 31.31 21.74
N TYR A 315 10.36 31.48 20.63
CA TYR A 315 10.31 32.78 19.97
C TYR A 315 9.65 33.82 20.85
N SER A 316 8.58 33.45 21.56
CA SER A 316 7.92 34.40 22.44
C SER A 316 8.81 34.80 23.60
N SER A 317 9.57 33.86 24.16
CA SER A 317 10.53 34.22 25.21
C SER A 317 11.53 35.24 24.70
N GLU A 318 12.11 34.99 23.53
CA GLU A 318 13.09 35.93 22.99
C GLU A 318 12.47 37.30 22.72
N LYS A 319 11.28 37.32 22.11
CA LYS A 319 10.65 38.58 21.77
C LYS A 319 10.26 39.37 23.02
N THR A 320 9.72 38.70 24.03
CA THR A 320 9.37 39.39 25.26
C THR A 320 10.60 39.93 25.96
N ALA A 321 11.70 39.18 25.94
CA ALA A 321 12.94 39.69 26.52
C ALA A 321 13.40 40.96 25.81
N GLU A 322 13.33 40.96 24.48
CA GLU A 322 13.64 42.19 23.74
C GLU A 322 12.65 43.30 24.06
N GLN A 323 11.39 42.93 24.29
CA GLN A 323 10.32 43.91 24.44
C GLN A 323 10.41 44.66 25.77
N ASN A 324 10.76 43.95 26.84
CA ASN A 324 10.72 44.55 28.17
C ASN A 324 11.77 45.65 28.37
N VAL A 325 12.78 45.73 27.51
CA VAL A 325 13.85 46.70 27.69
C VAL A 325 13.65 47.85 26.73
N ALA A 326 12.96 47.59 25.62
CA ALA A 326 12.64 48.58 24.58
C ALA A 326 13.87 49.12 23.87
N ALA A 327 15.05 48.62 24.21
CA ALA A 327 16.29 49.04 23.57
C ALA A 327 17.36 48.02 23.92
N ASP A 328 18.54 48.18 23.29
CA ASP A 328 19.64 47.28 23.59
C ASP A 328 20.06 47.37 25.05
N PHE A 329 20.31 48.58 25.53
CA PHE A 329 20.66 48.82 26.92
C PHE A 329 19.78 49.94 27.45
N SER A 330 19.34 49.81 28.70
CA SER A 330 18.49 50.81 29.33
C SER A 330 19.07 51.22 30.68
N PHE A 331 18.80 52.45 31.07
CA PHE A 331 19.29 53.01 32.32
C PHE A 331 18.18 53.75 33.04
N MET A 332 18.32 53.85 34.36
CA MET A 332 17.32 54.53 35.18
C MET A 332 17.71 56.00 35.41
N ASN A 333 18.95 56.24 35.82
CA ASN A 333 19.45 57.58 36.08
C ASN A 333 20.51 57.96 35.06
N GLU A 334 20.80 59.26 35.00
CA GLU A 334 21.73 59.79 34.00
C GLU A 334 23.18 59.51 34.35
N LYS A 335 23.52 59.48 35.64
CA LYS A 335 24.93 59.46 36.03
C LYS A 335 25.57 58.12 35.70
N ASP A 336 24.85 57.03 35.95
CA ASP A 336 25.34 55.70 35.59
C ASP A 336 25.45 55.55 34.07
N ALA A 337 24.51 56.14 33.33
CA ALA A 337 24.63 56.14 31.88
C ALA A 337 25.88 56.87 31.44
N LYS A 338 26.21 57.98 32.11
CA LYS A 338 27.46 58.67 31.83
C LYS A 338 28.67 57.79 32.12
N LEU A 339 28.63 57.04 33.23
CA LEU A 339 29.70 56.09 33.51
C LEU A 339 29.85 55.07 32.39
N PHE A 340 28.74 54.49 31.95
CA PHE A 340 28.80 53.45 30.93
C PHE A 340 29.30 54.02 29.61
N GLU A 341 28.84 55.20 29.22
CA GLU A 341 29.30 55.80 27.97
C GLU A 341 30.77 56.15 28.05
N ASN A 342 31.23 56.69 29.19
CA ASN A 342 32.65 56.97 29.35
C ASN A 342 33.49 55.70 29.26
N LYS A 343 33.00 54.61 29.86
CA LYS A 343 33.71 53.34 29.78
C LYS A 343 33.78 52.85 28.33
N LEU A 344 32.69 52.99 27.58
CA LEU A 344 32.69 52.59 26.18
C LEU A 344 33.55 53.50 25.32
N ARG A 345 33.81 54.73 25.78
CA ARG A 345 34.59 55.68 24.99
C ARG A 345 35.99 55.14 24.69
N GLU A 346 36.65 54.54 25.69
CA GLU A 346 37.94 53.92 25.46
C GLU A 346 37.83 52.49 24.96
N SER A 347 36.61 51.97 24.80
CA SER A 347 36.39 50.64 24.28
C SER A 347 36.35 50.60 22.75
N ASN A 348 36.52 51.76 22.09
CA ASN A 348 36.48 51.86 20.64
C ASN A 348 35.14 51.38 20.07
N ILE A 349 34.07 51.57 20.82
CA ILE A 349 32.72 51.22 20.40
C ILE A 349 31.84 52.44 20.59
N SER A 350 31.17 52.85 19.52
CA SER A 350 30.29 54.01 19.55
C SER A 350 28.88 53.60 19.97
N PHE A 351 28.14 54.57 20.50
CA PHE A 351 26.80 54.35 21.01
C PHE A 351 25.86 55.41 20.46
N VAL A 352 24.59 55.04 20.32
CA VAL A 352 23.55 55.95 19.84
C VAL A 352 22.68 56.28 21.04
N LYS A 353 22.96 57.40 21.68
CA LYS A 353 22.20 57.84 22.85
C LYS A 353 21.01 58.69 22.41
N LYS A 354 19.83 58.34 22.89
CA LYS A 354 18.61 59.06 22.57
C LYS A 354 17.88 59.38 23.87
N ALA A 355 17.45 60.63 24.00
CA ALA A 355 16.73 61.10 25.19
C ALA A 355 15.30 61.42 24.81
N THR A 356 14.36 60.85 25.55
CA THR A 356 12.95 61.06 25.27
C THR A 356 12.19 61.34 26.56
N PRO A 357 11.75 62.58 26.80
CA PRO A 357 10.95 62.85 27.98
C PRO A 357 9.59 62.17 27.90
N VAL A 358 9.08 61.80 29.07
CA VAL A 358 7.79 61.12 29.17
C VAL A 358 6.91 61.87 30.15
N LEU A 359 5.64 62.02 29.80
CA LEU A 359 4.64 62.67 30.65
C LEU A 359 3.55 61.64 30.95
N GLN A 360 3.59 61.09 32.16
CA GLN A 360 2.60 60.08 32.56
C GLN A 360 1.27 60.76 32.83
N ALA A 361 0.25 60.37 32.06
CA ALA A 361 -1.07 60.96 32.19
C ALA A 361 -2.12 59.91 31.87
N ASN A 362 -3.32 60.11 32.38
CA ASN A 362 -4.42 59.19 32.20
C ASN A 362 -5.42 59.74 31.18
N VAL A 363 -5.93 58.82 30.33
CA VAL A 363 -6.84 59.16 29.24
C VAL A 363 -7.99 58.17 29.23
N ASP A 364 -8.96 58.43 28.36
CA ASP A 364 -10.16 57.60 28.23
C ASP A 364 -10.12 56.88 26.89
N ILE A 365 -10.14 55.55 26.95
CA ILE A 365 -10.15 54.71 25.76
C ILE A 365 -11.28 53.70 25.87
N ALA A 366 -12.27 54.01 26.72
CA ALA A 366 -13.39 53.10 26.91
C ALA A 366 -14.22 52.93 25.65
N ASN A 367 -14.44 54.02 24.92
CA ASN A 367 -15.26 53.95 23.71
C ASN A 367 -14.63 53.08 22.64
N ILE A 368 -13.31 53.19 22.45
CA ILE A 368 -12.63 52.44 21.40
C ILE A 368 -12.46 50.97 21.77
N MET A 369 -12.64 50.61 23.03
CA MET A 369 -12.51 49.22 23.43
C MET A 369 -13.72 48.42 22.96
N ASP A 370 -13.46 47.27 22.34
CA ASP A 370 -14.50 46.38 21.85
C ASP A 370 -14.74 45.21 22.79
N GLY A 371 -14.17 45.24 23.99
CA GLY A 371 -14.31 44.17 24.94
C GLY A 371 -15.54 44.32 25.82
N THR A 372 -15.46 43.79 27.04
CA THR A 372 -16.55 43.81 27.97
C THR A 372 -16.10 44.43 29.29
N PRO A 373 -17.01 45.08 30.01
CA PRO A 373 -16.63 45.64 31.33
C PRO A 373 -16.24 44.59 32.35
N LYS A 374 -16.57 43.31 32.13
CA LYS A 374 -16.19 42.27 33.07
C LYS A 374 -14.68 42.18 33.21
N GLU A 375 -13.96 42.28 32.08
CA GLU A 375 -12.50 42.32 32.09
C GLU A 375 -12.08 43.72 32.53
N MET A 376 -11.98 43.91 33.84
CA MET A 376 -11.73 45.24 34.39
C MET A 376 -10.36 45.76 33.98
N GLN A 377 -9.29 45.10 34.43
CA GLN A 377 -7.92 45.55 34.18
C GLN A 377 -7.75 47.02 34.52
N GLY A 378 -8.31 47.42 35.66
CA GLY A 378 -8.32 48.81 36.07
C GLY A 378 -9.68 49.46 35.87
N ASP A 379 -9.80 50.67 36.42
CA ASP A 379 -11.04 51.42 36.29
C ASP A 379 -11.31 51.72 34.82
N PRO A 380 -12.56 51.54 34.36
CA PRO A 380 -12.83 51.70 32.91
C PRO A 380 -12.50 53.08 32.37
N GLY A 381 -12.52 54.11 33.21
CA GLY A 381 -12.15 55.44 32.78
C GLY A 381 -10.79 55.93 33.25
N ASN A 382 -9.92 55.04 33.75
CA ASN A 382 -8.69 55.48 34.39
C ASN A 382 -7.51 54.60 34.00
N MET A 383 -7.34 54.31 32.71
CA MET A 383 -6.07 53.76 32.26
C MET A 383 -4.95 54.77 32.50
N GLN A 384 -3.81 54.27 32.97
CA GLN A 384 -2.62 55.09 33.15
C GLN A 384 -1.70 54.89 31.95
N LEU A 385 -1.40 55.99 31.26
CA LEU A 385 -0.63 55.94 30.02
C LEU A 385 0.66 56.75 30.17
N ALA A 386 1.42 56.80 29.08
CA ALA A 386 2.62 57.63 28.96
C ALA A 386 2.53 58.40 27.65
N VAL A 387 2.88 59.68 27.70
CA VAL A 387 2.74 60.59 26.57
C VAL A 387 4.11 61.11 26.18
N VAL A 388 4.41 61.08 24.88
CA VAL A 388 5.65 61.61 24.34
C VAL A 388 5.32 62.52 23.17
N SER A 389 6.28 63.37 22.81
CA SER A 389 6.09 64.36 21.77
C SER A 389 6.27 63.71 20.39
N ASP A 390 6.33 64.54 19.35
CA ASP A 390 6.48 64.07 17.98
C ASP A 390 7.91 64.09 17.50
N LYS A 391 8.72 65.06 17.96
CA LYS A 391 10.10 65.14 17.49
C LYS A 391 10.93 63.94 17.91
N ASP A 392 10.52 63.25 18.98
CA ASP A 392 11.27 62.11 19.47
C ASP A 392 11.14 60.88 18.58
N VAL A 393 10.25 60.91 17.59
CA VAL A 393 10.05 59.80 16.67
C VAL A 393 10.64 60.16 15.31
N LYS A 394 11.51 59.29 14.80
CA LYS A 394 12.13 59.46 13.49
C LYS A 394 11.37 58.73 12.39
N GLY A 395 10.23 58.14 12.70
CA GLY A 395 9.52 57.34 11.71
C GLY A 395 8.22 57.93 11.23
N VAL A 396 7.52 58.67 12.09
CA VAL A 396 6.22 59.23 11.76
C VAL A 396 6.16 60.67 12.26
N ASP A 397 5.29 61.46 11.63
CA ASP A 397 5.06 62.86 12.01
C ASP A 397 3.56 63.13 12.05
N VAL A 398 2.96 62.91 13.23
CA VAL A 398 1.53 63.07 13.38
C VAL A 398 1.16 64.55 13.25
N ALA A 399 -0.06 64.80 12.79
CA ALA A 399 -0.56 66.15 12.59
C ALA A 399 -1.31 66.63 13.84
N ALA A 400 -1.78 67.87 13.80
CA ALA A 400 -2.50 68.45 14.93
C ALA A 400 -3.86 67.78 15.10
N GLY A 401 -4.28 67.66 16.36
CA GLY A 401 -5.56 67.05 16.67
C GLY A 401 -5.67 65.59 16.30
N GLU A 402 -4.57 64.85 16.40
CA GLU A 402 -4.55 63.43 16.07
C GLU A 402 -3.80 62.67 17.14
N ALA A 403 -4.24 61.44 17.38
CA ALA A 403 -3.62 60.57 18.38
C ALA A 403 -3.27 59.24 17.72
N VAL A 404 -2.05 58.78 17.93
CA VAL A 404 -1.56 57.51 17.39
C VAL A 404 -0.98 56.70 18.54
N PHE A 405 -1.33 55.41 18.58
CA PHE A 405 -0.79 54.49 19.57
C PHE A 405 0.37 53.70 18.97
N SER A 406 1.11 53.03 19.84
CA SER A 406 2.23 52.20 19.46
C SER A 406 2.10 50.83 20.10
N GLY A 407 3.08 49.96 19.82
CA GLY A 407 3.11 48.64 20.42
C GLY A 407 2.15 47.65 19.79
N TYR A 408 2.58 46.39 19.67
CA TYR A 408 1.75 45.35 19.08
C TYR A 408 1.34 44.30 20.10
N THR A 409 2.30 43.63 20.74
CA THR A 409 2.08 42.65 21.82
C THR A 409 0.86 41.77 21.57
N ASP A 410 0.94 40.94 20.51
CA ASP A 410 -0.16 40.15 19.97
C ASP A 410 -1.14 39.63 21.01
N LEU A 411 -0.63 39.12 22.14
CA LEU A 411 -1.50 38.60 23.18
C LEU A 411 -2.46 39.67 23.69
N LEU A 412 -2.04 40.94 23.67
CA LEU A 412 -2.91 42.01 24.16
C LEU A 412 -4.18 42.15 23.33
N GLN A 413 -4.13 41.82 22.03
CA GLN A 413 -5.32 41.88 21.21
C GLN A 413 -6.17 40.65 21.42
N LYS A 414 -6.39 40.29 22.68
CA LYS A 414 -7.34 39.25 23.06
C LYS A 414 -8.19 39.65 24.26
N ILE A 415 -7.76 40.60 25.08
CA ILE A 415 -8.53 41.07 26.23
C ILE A 415 -8.96 42.53 26.03
N MET A 416 -8.00 43.43 25.83
CA MET A 416 -8.27 44.73 25.24
C MET A 416 -8.34 44.59 23.73
N VAL A 417 -9.50 44.88 23.15
CA VAL A 417 -9.70 44.85 21.71
C VAL A 417 -9.97 46.27 21.24
N PHE A 418 -9.18 46.75 20.29
CA PHE A 418 -9.25 48.13 19.82
C PHE A 418 -10.09 48.21 18.55
N LYS A 419 -10.96 49.21 18.50
CA LYS A 419 -11.82 49.45 17.35
C LYS A 419 -11.09 50.31 16.33
N ASP A 420 -11.82 50.83 15.34
CA ASP A 420 -11.25 51.71 14.34
C ASP A 420 -11.11 53.12 14.92
N SER A 421 -10.87 54.10 14.05
CA SER A 421 -10.68 55.47 14.50
C SER A 421 -11.91 55.99 15.25
N GLY A 422 -11.66 56.63 16.39
CA GLY A 422 -12.72 57.20 17.20
C GLY A 422 -12.32 58.52 17.82
N VAL A 423 -12.58 58.68 19.11
CA VAL A 423 -12.19 59.87 19.85
C VAL A 423 -11.63 59.45 21.20
N ILE A 424 -10.54 60.08 21.61
CA ILE A 424 -9.86 59.79 22.87
C ILE A 424 -9.93 61.04 23.73
N LYS A 425 -10.36 60.87 24.98
CA LYS A 425 -10.51 61.97 25.92
C LYS A 425 -9.29 62.03 26.83
N VAL A 426 -8.62 63.18 26.84
CA VAL A 426 -7.47 63.41 27.71
C VAL A 426 -7.93 64.33 28.84
N LYS A 427 -7.82 63.85 30.07
CA LYS A 427 -8.24 64.61 31.24
C LYS A 427 -7.02 65.10 32.00
N SER A 428 -6.99 66.40 32.29
CA SER A 428 -5.87 67.07 32.94
C SER A 428 -6.36 67.71 34.25
N LYS A 429 -5.54 68.60 34.80
CA LYS A 429 -5.86 69.21 36.09
C LYS A 429 -7.11 70.07 36.01
N HIS A 430 -7.14 71.05 35.09
CA HIS A 430 -8.28 71.94 34.97
C HIS A 430 -8.59 72.25 33.50
N GLU A 431 -8.33 71.31 32.60
CA GLU A 431 -8.62 71.50 31.18
C GLU A 431 -8.95 70.15 30.57
N THR A 432 -9.58 70.20 29.40
CA THR A 432 -10.02 68.99 28.71
C THR A 432 -9.71 69.15 27.23
N GLN A 433 -8.69 68.45 26.74
CA GLN A 433 -8.31 68.50 25.34
C GLN A 433 -8.68 67.19 24.66
N PRO A 434 -9.58 67.20 23.68
CA PRO A 434 -9.95 65.94 23.02
C PRO A 434 -9.04 65.60 21.85
N LEU A 435 -8.84 64.30 21.66
CA LEU A 435 -8.03 63.78 20.56
C LEU A 435 -8.77 62.64 19.88
N LYS A 436 -8.42 62.40 18.63
CA LYS A 436 -9.07 61.36 17.84
C LYS A 436 -8.03 60.38 17.29
N TYR A 437 -8.37 59.09 17.37
CA TYR A 437 -7.42 58.02 17.10
C TYR A 437 -7.14 57.89 15.61
N LYS A 438 -5.89 57.55 15.28
CA LYS A 438 -5.46 57.34 13.91
C LYS A 438 -5.08 55.90 13.61
N GLY A 439 -4.15 55.32 14.35
CA GLY A 439 -3.69 53.98 14.05
C GLY A 439 -2.81 53.44 15.15
N LEU A 440 -2.44 52.17 14.99
CA LEU A 440 -1.59 51.46 15.94
C LEU A 440 -0.25 51.16 15.28
N ARG A 441 0.84 51.56 15.92
CA ARG A 441 2.17 51.41 15.35
C ARG A 441 2.66 49.98 15.57
N GLU A 442 3.95 49.74 15.32
CA GLU A 442 4.52 48.41 15.39
C GLU A 442 5.83 48.41 16.17
N GLU A 443 5.96 49.31 17.15
CA GLU A 443 7.19 49.41 17.91
C GLU A 443 6.89 49.98 19.29
N PHE A 444 7.76 49.64 20.25
CA PHE A 444 7.65 50.12 21.62
C PHE A 444 8.65 51.25 21.84
N LEU A 445 8.23 52.29 22.58
CA LEU A 445 9.04 53.48 22.77
C LEU A 445 9.50 53.68 24.21
N VAL A 446 8.98 52.90 25.17
CA VAL A 446 9.34 53.04 26.57
C VAL A 446 9.56 51.66 27.18
N SER A 447 10.28 51.64 28.30
CA SER A 447 10.54 50.41 29.02
C SER A 447 9.30 50.00 29.81
N TYR A 448 9.40 48.89 30.53
CA TYR A 448 8.24 48.38 31.25
C TYR A 448 7.92 49.18 32.50
N THR A 449 8.88 49.96 33.00
CA THR A 449 8.61 50.81 34.16
C THR A 449 7.59 51.90 33.82
N PHE A 450 7.71 52.48 32.63
CA PHE A 450 6.85 53.60 32.24
C PHE A 450 5.51 53.14 31.65
N THR A 451 5.37 51.86 31.33
CA THR A 451 4.15 51.37 30.71
C THR A 451 3.07 50.97 31.70
N SER A 452 3.37 51.05 33.00
CA SER A 452 2.41 50.73 34.08
C SER A 452 2.00 49.27 33.92
N GLY A 453 0.72 48.94 33.71
CA GLY A 453 0.29 47.56 33.65
C GLY A 453 0.74 46.83 32.40
N GLY A 454 1.05 47.55 31.33
CA GLY A 454 1.49 46.92 30.11
C GLY A 454 0.97 47.59 28.86
N MET A 455 0.03 48.51 29.02
CA MET A 455 -0.49 49.24 27.87
C MET A 455 0.61 50.12 27.27
N PRO A 456 0.65 50.26 25.95
CA PRO A 456 1.75 51.01 25.32
C PRO A 456 1.61 52.51 25.49
N ALA A 457 2.52 53.27 24.88
CA ALA A 457 2.53 54.72 24.99
C ALA A 457 1.77 55.34 23.83
N VAL A 458 1.67 56.67 23.86
CA VAL A 458 0.96 57.44 22.85
C VAL A 458 1.86 58.54 22.34
N ILE A 459 1.76 58.83 21.04
CA ILE A 459 2.54 59.88 20.40
C ILE A 459 1.58 60.97 19.95
N VAL A 460 1.89 62.22 20.29
CA VAL A 460 1.09 63.38 19.93
C VAL A 460 1.98 64.41 19.25
N ASP A 461 1.35 65.38 18.61
CA ASP A 461 2.09 66.43 17.92
C ASP A 461 2.81 67.33 18.91
N ASP A 462 3.94 67.90 18.46
CA ASP A 462 4.74 68.75 19.33
C ASP A 462 4.00 70.01 19.72
N SER A 463 3.08 70.49 18.88
CA SER A 463 2.34 71.71 19.20
C SER A 463 1.52 71.53 20.47
N LEU A 464 0.81 70.41 20.59
CA LEU A 464 0.06 70.13 21.82
C LEU A 464 1.01 69.85 22.98
N PHE A 465 2.12 69.15 22.70
CA PHE A 465 3.09 68.86 23.76
C PHE A 465 3.65 70.13 24.36
N LYS A 466 3.71 71.21 23.59
CA LYS A 466 4.31 72.45 24.07
C LYS A 466 3.59 73.00 25.30
N GLN A 467 2.29 72.72 25.44
CA GLN A 467 1.58 73.08 26.67
C GLN A 467 1.27 71.88 27.56
N LEU A 468 1.21 70.66 27.01
CA LEU A 468 1.05 69.49 27.86
C LEU A 468 2.23 69.32 28.81
N ASP A 469 3.45 69.53 28.33
CA ASP A 469 4.61 69.46 29.21
C ASP A 469 4.65 70.65 30.17
N LYS A 470 4.15 71.80 29.74
CA LYS A 470 4.10 72.96 30.62
C LYS A 470 3.15 72.72 31.80
N ASP A 471 2.01 72.10 31.54
CA ASP A 471 1.06 71.79 32.59
C ASP A 471 1.68 70.83 33.61
N LYS A 472 2.00 69.61 33.19
CA LYS A 472 2.75 68.64 33.96
C LYS A 472 2.14 68.44 35.36
N ASP A 473 0.93 67.89 35.36
CA ASP A 473 0.20 67.58 36.59
C ASP A 473 1.05 66.66 37.47
N PRO A 474 1.55 67.16 38.60
CA PRO A 474 2.46 66.36 39.45
C PRO A 474 1.72 65.52 40.49
N ARG A 475 1.00 64.51 40.02
CA ARG A 475 0.27 63.61 40.90
C ARG A 475 0.52 62.14 40.64
N ILE A 476 0.96 61.75 39.45
CA ILE A 476 1.20 60.35 39.13
C ILE A 476 2.58 60.20 38.51
N GLN A 477 3.35 61.29 38.47
CA GLN A 477 4.68 61.26 37.88
C GLN A 477 5.62 60.41 38.70
N LEU A 478 6.61 59.82 38.02
CA LEU A 478 7.60 58.98 38.67
C LEU A 478 8.73 59.85 39.23
N ALA A 479 9.82 59.21 39.65
CA ALA A 479 10.93 59.95 40.22
C ALA A 479 11.56 60.90 39.20
N GLN A 480 11.74 60.44 37.97
CA GLN A 480 12.24 61.30 36.90
C GLN A 480 11.69 60.80 35.57
N SER A 481 11.66 61.70 34.60
CA SER A 481 11.11 61.43 33.27
C SER A 481 12.25 61.42 32.27
N THR A 482 12.86 60.25 32.10
CA THR A 482 13.96 60.08 31.16
C THR A 482 14.01 58.64 30.70
N PHE A 483 14.30 58.43 29.41
CA PHE A 483 14.44 57.10 28.83
C PHE A 483 15.75 57.01 28.07
N ILE A 484 16.85 57.40 28.74
CA ILE A 484 18.16 57.31 28.11
C ILE A 484 18.47 55.86 27.80
N GLY A 485 18.74 55.58 26.52
CA GLY A 485 19.04 54.22 26.09
C GLY A 485 20.31 54.19 25.27
N VAL A 486 20.84 52.98 25.10
CA VAL A 486 22.07 52.75 24.36
C VAL A 486 21.77 51.80 23.21
N ASN A 487 22.22 52.18 22.02
CA ASN A 487 22.05 51.37 20.82
C ASN A 487 23.42 51.10 20.20
N VAL A 488 23.56 49.92 19.59
CA VAL A 488 24.82 49.47 19.03
C VAL A 488 24.63 49.13 17.56
N LYS A 489 25.75 48.86 16.89
CA LYS A 489 25.76 48.56 15.46
C LYS A 489 25.43 47.10 15.21
N HIS A 490 25.72 46.63 14.00
CA HIS A 490 25.53 45.23 13.63
C HIS A 490 26.34 44.31 14.57
N ASP A 491 26.07 43.02 14.43
CA ASP A 491 26.63 42.01 15.34
C ASP A 491 28.11 42.22 15.59
N ASP A 492 28.48 42.32 16.85
CA ASP A 492 29.84 42.57 17.28
C ASP A 492 30.03 41.89 18.64
N GLN A 493 31.07 42.29 19.37
CA GLN A 493 31.31 41.73 20.69
C GLN A 493 30.30 42.27 21.69
N MET A 494 29.03 41.89 21.52
CA MET A 494 27.99 42.35 22.43
C MET A 494 28.15 41.78 23.82
N GLU A 495 28.74 40.58 23.92
CA GLU A 495 28.97 39.98 25.24
C GLU A 495 29.97 40.80 26.06
N LYS A 496 30.96 41.39 25.39
CA LYS A 496 31.90 42.27 26.09
C LYS A 496 31.19 43.50 26.64
N ALA A 497 30.31 44.10 25.85
CA ALA A 497 29.54 45.25 26.32
C ALA A 497 28.63 44.85 27.48
N ASN A 498 28.03 43.66 27.40
CA ASN A 498 27.18 43.20 28.48
C ASN A 498 27.97 42.99 29.77
N GLU A 499 29.17 42.42 29.65
CA GLU A 499 30.02 42.25 30.83
C GLU A 499 30.39 43.59 31.43
N LEU A 500 30.70 44.57 30.57
CA LEU A 500 30.95 45.92 31.07
C LEU A 500 29.73 46.47 31.79
N PHE A 501 28.54 46.22 31.25
CA PHE A 501 27.31 46.68 31.90
C PHE A 501 27.16 46.06 33.28
N GLN A 502 27.39 44.75 33.40
CA GLN A 502 27.28 44.09 34.70
C GLN A 502 28.31 44.65 35.69
N GLN A 503 29.53 44.89 35.23
CA GLN A 503 30.54 45.44 36.13
C GLN A 503 30.32 46.91 36.42
N VAL A 504 29.42 47.58 35.70
CA VAL A 504 29.13 48.98 35.99
C VAL A 504 28.13 49.11 37.13
N ASN A 505 26.98 48.42 37.03
CA ASN A 505 25.91 48.59 38.00
C ASN A 505 26.20 47.73 39.23
N LYS A 506 26.68 48.38 40.30
CA LYS A 506 26.94 47.65 41.53
C LYS A 506 25.65 47.15 42.16
N LYS A 507 24.59 47.96 42.11
CA LYS A 507 23.31 47.59 42.69
C LYS A 507 22.39 46.89 41.69
N ASN A 508 22.86 46.64 40.47
CA ASN A 508 22.10 45.98 39.40
C ASN A 508 20.65 46.46 39.34
N GLU A 509 20.49 47.78 39.30
CA GLU A 509 19.18 48.42 39.19
C GLU A 509 18.87 48.87 37.77
N HIS A 510 19.66 48.44 36.78
CA HIS A 510 19.47 48.83 35.39
C HIS A 510 19.15 47.60 34.55
N LEU A 511 18.33 47.81 33.52
CA LEU A 511 17.85 46.71 32.71
C LEU A 511 18.89 46.27 31.69
N SER A 512 18.80 45.00 31.29
CA SER A 512 19.65 44.44 30.26
C SER A 512 18.84 43.51 29.38
N ARG A 513 19.39 43.19 28.21
CA ARG A 513 18.70 42.33 27.25
C ARG A 513 19.04 40.86 27.45
N LEU A 514 20.33 40.52 27.45
CA LEU A 514 20.73 39.11 27.51
C LEU A 514 20.36 38.49 28.85
N ASP A 515 20.46 39.25 29.94
CA ASP A 515 20.09 38.71 31.24
C ASP A 515 18.59 38.37 31.29
N THR A 516 17.75 39.26 30.77
CA THR A 516 16.32 38.98 30.73
C THR A 516 16.03 37.79 29.82
N SER A 517 16.74 37.70 28.70
CA SER A 517 16.57 36.55 27.81
C SER A 517 16.90 35.25 28.53
N ALA A 518 18.02 35.23 29.26
CA ALA A 518 18.41 34.04 29.99
C ALA A 518 17.39 33.69 31.07
N ALA A 519 16.89 34.68 31.80
CA ALA A 519 15.92 34.41 32.85
C ALA A 519 14.63 33.85 32.26
N GLN A 520 14.14 34.44 31.18
CA GLN A 520 12.91 33.96 30.56
C GLN A 520 13.08 32.57 29.99
N LYS A 521 14.24 32.28 29.38
CA LYS A 521 14.48 30.95 28.85
C LYS A 521 14.59 29.91 29.96
N SER A 522 15.18 30.29 31.09
CA SER A 522 15.34 29.33 32.19
C SER A 522 14.03 29.08 32.91
N LEU A 523 13.12 30.07 32.95
CA LEU A 523 11.89 29.90 33.70
C LEU A 523 10.92 28.91 33.04
N PHE A 524 11.09 28.62 31.75
CA PHE A 524 10.20 27.75 31.01
C PHE A 524 10.91 26.49 30.50
N GLY A 525 11.93 26.04 31.22
CA GLY A 525 12.80 25.00 30.68
C GLY A 525 12.09 23.68 30.48
N MET A 526 11.42 23.19 31.52
CA MET A 526 10.73 21.91 31.42
C MET A 526 9.62 21.96 30.37
N VAL A 527 8.89 23.08 30.33
CA VAL A 527 7.79 23.23 29.41
C VAL A 527 8.26 23.24 27.96
N MET A 528 9.40 23.89 27.67
CA MET A 528 9.91 23.85 26.30
C MET A 528 10.73 22.61 26.00
N PHE A 529 11.06 21.81 27.00
CA PHE A 529 11.81 20.58 26.75
C PHE A 529 10.91 19.38 26.49
N ILE A 530 9.83 19.24 27.26
CA ILE A 530 8.97 18.06 27.13
C ILE A 530 8.34 18.01 25.74
N VAL A 531 7.79 19.14 25.29
CA VAL A 531 7.14 19.16 23.98
C VAL A 531 8.13 18.92 22.85
N GLY A 532 9.34 19.46 22.94
CA GLY A 532 10.36 19.20 21.93
C GLY A 532 10.73 17.73 21.85
N PHE A 533 10.93 17.11 23.02
CA PHE A 533 11.25 15.68 23.07
C PHE A 533 10.15 14.86 22.40
N LEU A 534 8.90 15.08 22.80
CA LEU A 534 7.81 14.30 22.23
C LEU A 534 7.64 14.57 20.74
N GLY A 535 7.79 15.82 20.32
CA GLY A 535 7.66 16.13 18.90
C GLY A 535 8.70 15.45 18.05
N LEU A 536 9.96 15.45 18.52
CA LEU A 536 11.01 14.79 17.75
C LEU A 536 10.78 13.29 17.66
N THR A 537 10.39 12.65 18.78
CA THR A 537 10.13 11.21 18.72
C THR A 537 8.98 10.90 17.75
N PHE A 538 7.90 11.69 17.80
CA PHE A 538 6.79 11.44 16.90
C PHE A 538 7.17 11.71 15.44
N LEU A 539 8.04 12.68 15.19
CA LEU A 539 8.52 12.92 13.84
C LEU A 539 9.29 11.72 13.30
N ILE A 540 10.17 11.14 14.13
CA ILE A 540 10.92 9.97 13.68
C ILE A 540 9.97 8.80 13.40
N THR A 541 8.99 8.58 14.28
CA THR A 541 8.04 7.50 14.04
C THR A 541 7.24 7.74 12.75
N SER A 542 6.88 8.99 12.47
CA SER A 542 6.17 9.29 11.23
C SER A 542 7.02 8.98 10.02
N GLY A 543 8.29 9.34 10.06
CA GLY A 543 9.19 8.98 8.96
C GLY A 543 9.27 7.49 8.74
N CYS A 544 9.42 6.73 9.82
CA CYS A 544 9.51 5.27 9.70
C CYS A 544 8.22 4.67 9.13
N ILE A 545 7.07 5.13 9.62
CA ILE A 545 5.81 4.55 9.14
C ILE A 545 5.55 4.94 7.69
N LEU A 546 6.03 6.11 7.26
CA LEU A 546 5.91 6.43 5.84
C LEU A 546 6.82 5.55 4.99
N TYR A 547 8.02 5.23 5.50
CA TYR A 547 8.94 4.39 4.73
C TYR A 547 8.43 2.95 4.62
N PHE A 548 7.77 2.44 5.66
CA PHE A 548 7.31 1.06 5.65
C PHE A 548 6.29 0.79 4.54
N LYS A 549 5.30 1.67 4.42
CA LYS A 549 4.25 1.51 3.41
C LYS A 549 4.82 1.51 2.00
N GLN A 550 5.86 2.31 1.75
CA GLN A 550 6.45 2.39 0.42
C GLN A 550 6.94 1.03 -0.05
N MET A 551 7.76 0.36 0.77
CA MET A 551 8.26 -0.95 0.39
C MET A 551 7.14 -1.98 0.32
N GLY A 552 6.18 -1.91 1.26
CA GLY A 552 5.09 -2.88 1.21
C GLY A 552 4.31 -2.80 -0.09
N GLU A 553 3.93 -1.59 -0.50
CA GLU A 553 3.13 -1.44 -1.70
C GLU A 553 3.96 -1.64 -2.97
N SER A 554 5.27 -1.32 -2.92
CA SER A 554 6.11 -1.59 -4.07
C SER A 554 6.25 -3.07 -4.33
N GLU A 555 6.40 -3.87 -3.27
CA GLU A 555 6.52 -5.31 -3.46
C GLU A 555 5.18 -5.97 -3.78
N ASP A 556 4.07 -5.38 -3.32
CA ASP A 556 2.78 -6.03 -3.51
C ASP A 556 2.43 -6.20 -4.99
N GLU A 557 2.66 -5.17 -5.81
CA GLU A 557 2.16 -5.14 -7.17
C GLU A 557 3.26 -5.24 -8.23
N LYS A 558 4.37 -5.90 -7.90
CA LYS A 558 5.44 -6.07 -8.87
C LYS A 558 5.04 -6.84 -10.12
N PRO A 559 4.31 -7.96 -10.04
CA PRO A 559 4.03 -8.73 -11.28
C PRO A 559 3.21 -7.97 -12.31
N SER A 560 2.50 -6.92 -11.93
CA SER A 560 1.74 -6.17 -12.93
C SER A 560 2.61 -5.29 -13.81
N TYR A 561 3.82 -4.95 -13.37
CA TYR A 561 4.71 -4.15 -14.20
C TYR A 561 5.41 -4.98 -15.27
N THR A 562 5.45 -6.30 -15.13
CA THR A 562 6.10 -7.15 -16.12
C THR A 562 5.13 -7.71 -17.14
N ILE A 563 3.86 -7.36 -17.06
CA ILE A 563 2.88 -7.72 -18.08
C ILE A 563 2.63 -6.56 -19.04
N LEU A 564 2.37 -5.36 -18.48
CA LEU A 564 2.18 -4.20 -19.34
C LEU A 564 3.42 -3.89 -20.14
N ARG A 565 4.59 -4.02 -19.53
CA ARG A 565 5.85 -3.80 -20.24
C ARG A 565 6.08 -4.84 -21.33
N LYS A 566 5.42 -6.00 -21.25
CA LYS A 566 5.55 -7.00 -22.29
C LYS A 566 4.78 -6.62 -23.55
N LEU A 567 3.56 -6.10 -23.41
CA LEU A 567 2.73 -5.80 -24.57
C LEU A 567 3.35 -4.72 -25.44
N GLY A 568 4.17 -3.83 -24.87
CA GLY A 568 4.85 -2.86 -25.69
C GLY A 568 5.03 -1.48 -25.10
N PHE A 569 4.35 -1.21 -23.97
CA PHE A 569 4.46 0.09 -23.35
C PHE A 569 5.88 0.34 -22.84
N THR A 570 6.40 1.52 -23.14
CA THR A 570 7.77 1.85 -22.76
C THR A 570 7.87 2.09 -21.26
N GLN A 571 9.10 1.97 -20.74
CA GLN A 571 9.33 2.23 -19.33
C GLN A 571 9.17 3.71 -18.98
N GLY A 572 9.22 4.59 -19.98
CA GLY A 572 8.96 6.00 -19.77
C GLY A 572 7.51 6.39 -19.72
N ASP A 573 6.61 5.45 -19.99
CA ASP A 573 5.18 5.70 -19.93
C ASP A 573 4.51 5.13 -18.69
N LEU A 574 5.09 4.08 -18.10
CA LEU A 574 4.58 3.57 -16.84
C LEU A 574 4.81 4.56 -15.70
N ILE A 575 5.94 5.30 -15.76
CA ILE A 575 6.24 6.26 -14.71
C ILE A 575 5.31 7.47 -14.75
N LYS A 576 4.58 7.65 -15.85
CA LYS A 576 3.63 8.75 -15.97
C LYS A 576 2.27 8.44 -15.37
N GLY A 577 2.06 7.21 -14.92
CA GLY A 577 0.79 6.85 -14.32
C GLY A 577 0.88 6.68 -12.82
N ILE A 578 2.11 6.56 -12.31
CA ILE A 578 2.32 6.42 -10.87
C ILE A 578 2.46 7.78 -10.19
N ARG A 579 2.82 8.83 -10.93
CA ARG A 579 2.92 10.15 -10.34
C ARG A 579 1.58 10.61 -9.78
N ILE A 580 0.49 10.27 -10.46
CA ILE A 580 -0.83 10.64 -9.97
C ILE A 580 -1.12 9.96 -8.63
N LYS A 581 -0.81 8.66 -8.53
CA LYS A 581 -1.04 7.96 -7.27
C LYS A 581 -0.19 8.53 -6.15
N GLN A 582 1.08 8.84 -6.44
CA GLN A 582 1.95 9.41 -5.42
C GLN A 582 1.45 10.77 -4.98
N MET A 583 1.00 11.60 -5.92
CA MET A 583 0.47 12.92 -5.57
C MET A 583 -0.76 12.79 -4.68
N TYR A 584 -1.66 11.86 -5.01
CA TYR A 584 -2.83 11.65 -4.16
C TYR A 584 -2.42 11.21 -2.75
N ASN A 585 -1.56 10.19 -2.68
CA ASN A 585 -1.18 9.59 -1.41
C ASN A 585 -0.38 10.55 -0.53
N PHE A 586 0.31 11.52 -1.12
CA PHE A 586 1.06 12.48 -0.34
C PHE A 586 0.39 13.85 -0.28
N GLY A 587 -0.79 14.01 -0.88
CA GLY A 587 -1.49 15.27 -0.81
C GLY A 587 -2.71 15.24 0.07
N ILE A 588 -3.33 14.07 0.25
CA ILE A 588 -4.48 14.01 1.15
C ILE A 588 -4.04 14.12 2.61
N PRO A 589 -3.18 13.22 3.12
CA PRO A 589 -2.84 13.28 4.55
C PRO A 589 -2.18 14.57 4.97
N LEU A 590 -1.35 15.16 4.11
CA LEU A 590 -0.66 16.39 4.48
C LEU A 590 -1.66 17.52 4.72
N VAL A 591 -2.64 17.67 3.84
CA VAL A 591 -3.63 18.73 3.98
C VAL A 591 -4.48 18.49 5.23
N VAL A 592 -4.93 17.26 5.43
CA VAL A 592 -5.77 17.00 6.61
C VAL A 592 -4.98 17.24 7.89
N GLY A 593 -3.71 16.82 7.92
CA GLY A 593 -2.89 17.04 9.10
C GLY A 593 -2.63 18.50 9.36
N LEU A 594 -2.42 19.29 8.30
CA LEU A 594 -2.25 20.73 8.48
C LEU A 594 -3.49 21.36 9.09
N PHE A 595 -4.67 20.96 8.62
CA PHE A 595 -5.90 21.51 9.20
C PHE A 595 -6.01 21.13 10.68
N HIS A 596 -5.72 19.87 11.01
CA HIS A 596 -5.80 19.43 12.40
C HIS A 596 -4.83 20.23 13.27
N SER A 597 -3.59 20.40 12.81
CA SER A 597 -2.61 21.12 13.59
C SER A 597 -3.02 22.58 13.78
N TYR A 598 -3.59 23.20 12.75
CA TYR A 598 -3.98 24.59 12.87
C TYR A 598 -5.09 24.77 13.90
N PHE A 599 -6.11 23.91 13.86
CA PHE A 599 -7.13 24.03 14.89
C PHE A 599 -6.71 23.47 16.24
N ALA A 600 -5.57 22.80 16.33
CA ALA A 600 -5.06 22.36 17.63
C ALA A 600 -4.21 23.41 18.32
N VAL A 601 -3.30 24.06 17.60
CA VAL A 601 -2.43 25.05 18.22
C VAL A 601 -3.22 26.28 18.63
N GLN A 602 -4.19 26.68 17.81
CA GLN A 602 -4.91 27.93 18.05
C GLN A 602 -5.72 27.91 19.34
N SER A 603 -6.06 26.73 19.86
CA SER A 603 -6.84 26.62 21.08
C SER A 603 -5.99 26.36 22.31
N GLY A 604 -4.67 26.35 22.18
CA GLY A 604 -3.81 26.01 23.30
C GLY A 604 -2.64 26.95 23.50
N TRP A 605 -2.60 28.05 22.78
CA TRP A 605 -1.55 29.04 22.98
C TRP A 605 -1.92 29.90 24.19
N PHE A 606 -1.23 31.03 24.36
CA PHE A 606 -1.33 31.95 25.49
C PHE A 606 -1.12 31.25 26.83
N LEU A 607 -0.65 30.01 26.83
CA LEU A 607 -0.07 29.36 27.98
C LEU A 607 1.41 29.08 27.82
N PHE A 608 1.92 29.13 26.59
CA PHE A 608 3.32 28.86 26.30
C PHE A 608 4.10 30.10 25.87
N GLY A 609 3.44 31.16 25.46
CA GLY A 609 4.14 32.33 24.97
C GLY A 609 3.20 33.48 24.71
N SER A 610 3.64 34.39 23.83
CA SER A 610 2.88 35.59 23.52
C SER A 610 2.95 35.96 22.04
N GLU A 611 3.05 34.96 21.16
CA GLU A 611 3.09 35.21 19.73
C GLU A 611 2.75 33.93 18.99
N VAL A 612 1.90 34.03 17.97
CA VAL A 612 1.41 32.84 17.29
C VAL A 612 1.66 32.88 15.79
N TRP A 613 1.17 33.93 15.12
CA TRP A 613 1.16 33.90 13.66
C TRP A 613 2.56 34.03 13.07
N ALA A 614 3.55 34.44 13.86
CA ALA A 614 4.91 34.52 13.33
C ALA A 614 5.61 33.17 13.33
N PRO A 615 5.62 32.37 14.42
CA PRO A 615 6.31 31.09 14.37
C PRO A 615 5.50 29.94 13.78
N MET A 616 4.18 30.00 13.94
CA MET A 616 3.34 28.90 13.46
C MET A 616 3.43 28.74 11.96
N ILE A 617 3.43 29.85 11.21
CA ILE A 617 3.60 29.78 9.77
C ILE A 617 5.00 29.28 9.43
N MET A 618 6.00 29.67 10.22
CA MET A 618 7.37 29.34 9.88
C MET A 618 7.69 27.87 10.14
N VAL A 619 6.97 27.22 11.06
CA VAL A 619 7.27 25.83 11.37
C VAL A 619 6.59 24.84 10.42
N MET A 620 5.48 25.22 9.80
CA MET A 620 4.81 24.33 8.85
C MET A 620 5.51 24.24 7.51
N VAL A 621 6.17 25.32 7.08
CA VAL A 621 6.81 25.34 5.77
C VAL A 621 7.94 24.32 5.72
N LEU A 622 8.75 24.24 6.78
CA LEU A 622 9.85 23.27 6.79
C LEU A 622 9.32 21.84 6.75
N TYR A 623 8.26 21.57 7.49
CA TYR A 623 7.66 20.23 7.46
C TYR A 623 7.13 19.90 6.07
N THR A 624 6.49 20.87 5.42
CA THR A 624 6.00 20.63 4.05
C THR A 624 7.15 20.34 3.10
N ALA A 625 8.26 21.08 3.24
CA ALA A 625 9.41 20.84 2.39
C ALA A 625 9.99 19.44 2.61
N LEU A 626 10.10 19.02 3.87
CA LEU A 626 10.61 17.67 4.14
C LEU A 626 9.67 16.61 3.55
N TYR A 627 8.37 16.82 3.70
CA TYR A 627 7.40 15.85 3.21
C TYR A 627 7.47 15.73 1.69
N SER A 628 7.62 16.86 1.01
CA SER A 628 7.77 16.85 -0.44
C SER A 628 9.06 16.15 -0.87
N ILE A 629 10.15 16.37 -0.13
CA ILE A 629 11.40 15.67 -0.43
C ILE A 629 11.20 14.17 -0.32
N PHE A 630 10.49 13.73 0.72
CA PHE A 630 10.22 12.31 0.88
C PHE A 630 9.41 11.76 -0.30
N GLY A 631 8.41 12.53 -0.75
CA GLY A 631 7.63 12.10 -1.90
C GLY A 631 8.46 11.96 -3.17
N PHE A 632 9.36 12.92 -3.40
CA PHE A 632 10.23 12.84 -4.56
C PHE A 632 11.13 11.61 -4.49
N LEU A 633 11.65 11.30 -3.31
CA LEU A 633 12.45 10.09 -3.15
C LEU A 633 11.63 8.84 -3.44
N SER A 634 10.36 8.83 -3.01
CA SER A 634 9.50 7.68 -3.29
C SER A 634 9.29 7.50 -4.79
N VAL A 635 9.07 8.59 -5.52
CA VAL A 635 8.91 8.48 -6.97
C VAL A 635 10.18 7.94 -7.62
N LEU A 636 11.35 8.41 -7.16
CA LEU A 636 12.60 7.89 -7.71
C LEU A 636 12.75 6.39 -7.45
N TYR A 637 12.36 5.93 -6.26
CA TYR A 637 12.45 4.51 -5.96
C TYR A 637 11.52 3.70 -6.86
N TYR A 638 10.30 4.18 -7.10
CA TYR A 638 9.42 3.48 -8.04
C TYR A 638 10.00 3.43 -9.44
N LYS A 639 10.69 4.50 -9.86
CA LYS A 639 11.35 4.45 -11.17
C LYS A 639 12.39 3.35 -11.21
N LYS A 640 13.21 3.25 -10.15
CA LYS A 640 14.22 2.21 -10.12
C LYS A 640 13.59 0.81 -10.12
N VAL A 641 12.45 0.66 -9.43
CA VAL A 641 11.76 -0.63 -9.44
C VAL A 641 11.26 -0.97 -10.83
N ILE A 642 10.66 0.00 -11.52
CA ILE A 642 10.10 -0.26 -12.85
C ILE A 642 11.20 -0.67 -13.82
N LYS A 643 12.35 0.01 -13.76
CA LYS A 643 13.41 -0.28 -14.73
C LYS A 643 13.83 -1.74 -14.70
N SER A 644 13.74 -2.40 -13.54
CA SER A 644 14.18 -3.78 -13.40
C SER A 644 13.03 -4.77 -13.42
N SER A 645 11.83 -4.37 -13.82
CA SER A 645 10.71 -5.30 -13.86
C SER A 645 10.92 -6.42 -14.87
N LEU A 646 11.45 -6.08 -16.05
CA LEU A 646 11.71 -7.09 -17.07
C LEU A 646 13.20 -7.20 -17.35
N VAL B 10 10.20 -12.00 -48.25
CA VAL B 10 10.23 -12.63 -46.94
C VAL B 10 10.09 -11.58 -45.84
N ILE B 11 9.70 -12.02 -44.65
CA ILE B 11 9.53 -11.11 -43.52
C ILE B 11 10.51 -11.47 -42.42
N LEU B 12 10.41 -12.67 -41.87
CA LEU B 12 11.25 -13.13 -40.78
C LEU B 12 12.42 -13.92 -41.34
N GLU B 13 13.63 -13.49 -41.02
CA GLU B 13 14.86 -14.16 -41.44
C GLU B 13 15.72 -14.44 -40.21
N ALA B 14 16.10 -15.70 -40.04
CA ALA B 14 16.93 -16.11 -38.93
C ALA B 14 18.19 -16.80 -39.45
N ASN B 15 19.30 -16.59 -38.76
CA ASN B 15 20.59 -17.11 -39.21
C ASN B 15 21.42 -17.50 -37.99
N LYS B 16 21.51 -18.81 -37.74
CA LYS B 16 22.36 -19.37 -36.68
C LYS B 16 22.03 -18.76 -35.32
N ILE B 17 20.79 -18.97 -34.89
CA ILE B 17 20.36 -18.47 -33.59
C ILE B 17 20.92 -19.35 -32.48
N ARG B 18 21.01 -18.80 -31.27
CA ARG B 18 21.56 -19.52 -30.14
C ARG B 18 21.01 -18.92 -28.85
N LYS B 19 20.56 -19.79 -27.94
CA LYS B 19 20.04 -19.37 -26.65
C LYS B 19 20.65 -20.25 -25.56
N SER B 20 20.80 -19.67 -24.37
CA SER B 20 21.41 -20.40 -23.25
C SER B 20 20.90 -19.82 -21.95
N TYR B 21 20.37 -20.68 -21.09
CA TYR B 21 19.88 -20.28 -19.77
C TYR B 21 20.89 -20.73 -18.72
N GLY B 22 21.41 -19.77 -17.94
CA GLY B 22 22.42 -20.10 -16.95
C GLY B 22 22.56 -19.02 -15.90
N ASN B 23 23.37 -19.33 -14.90
CA ASN B 23 23.68 -18.44 -13.79
C ASN B 23 25.18 -18.36 -13.57
N LYS B 24 25.94 -18.34 -14.66
CA LYS B 24 27.40 -18.28 -14.70
C LYS B 24 28.06 -19.54 -14.17
N LEU B 25 27.30 -20.53 -13.71
CA LEU B 25 27.86 -21.78 -13.21
C LEU B 25 27.49 -22.96 -14.09
N ASN B 26 26.19 -23.14 -14.38
CA ASN B 26 25.73 -24.15 -15.32
C ASN B 26 25.11 -23.44 -16.51
N LYS B 27 25.60 -23.76 -17.71
CA LYS B 27 25.11 -23.16 -18.96
C LYS B 27 24.49 -24.27 -19.80
N GLN B 28 23.22 -24.53 -19.59
CA GLN B 28 22.50 -25.51 -20.39
C GLN B 28 22.03 -24.89 -21.70
N GLU B 29 22.05 -25.68 -22.76
CA GLU B 29 21.69 -25.22 -24.10
C GLU B 29 20.31 -25.74 -24.47
N VAL B 30 19.45 -24.84 -24.95
CA VAL B 30 18.11 -25.21 -25.35
C VAL B 30 17.87 -25.04 -26.85
N LEU B 31 18.62 -24.18 -27.53
CA LEU B 31 18.51 -24.00 -28.97
C LEU B 31 19.91 -24.02 -29.56
N LYS B 32 20.10 -24.81 -30.62
CA LYS B 32 21.39 -24.94 -31.29
C LYS B 32 21.18 -24.83 -32.80
N GLY B 33 21.32 -23.62 -33.33
CA GLY B 33 21.31 -23.43 -34.77
C GLY B 33 19.97 -23.64 -35.45
N ILE B 34 19.01 -22.75 -35.20
CA ILE B 34 17.71 -22.80 -35.84
C ILE B 34 17.67 -21.77 -36.96
N ASP B 35 17.24 -22.19 -38.14
CA ASP B 35 17.13 -21.31 -39.29
C ASP B 35 15.73 -21.43 -39.88
N ILE B 36 15.05 -20.29 -40.03
CA ILE B 36 13.71 -20.23 -40.60
C ILE B 36 13.64 -19.09 -41.60
N HIS B 37 12.78 -19.25 -42.60
CA HIS B 37 12.64 -18.30 -43.71
C HIS B 37 11.17 -18.02 -43.98
N ILE B 38 10.41 -17.69 -42.94
CA ILE B 38 8.98 -17.45 -43.08
C ILE B 38 8.73 -16.33 -44.08
N GLU B 39 7.76 -16.54 -44.96
CA GLU B 39 7.41 -15.58 -46.00
C GLU B 39 6.08 -14.91 -45.68
N LYS B 40 5.72 -13.94 -46.51
CA LYS B 40 4.49 -13.19 -46.32
C LYS B 40 3.28 -14.10 -46.54
N GLY B 41 2.28 -13.96 -45.67
CA GLY B 41 1.04 -14.71 -45.81
C GLY B 41 1.21 -16.20 -45.75
N GLU B 42 2.00 -16.70 -44.80
CA GLU B 42 2.23 -18.13 -44.63
C GLU B 42 1.81 -18.55 -43.23
N PHE B 43 1.08 -19.66 -43.16
CA PHE B 43 0.53 -20.15 -41.90
C PHE B 43 1.44 -21.23 -41.30
N VAL B 44 2.66 -20.83 -40.97
CA VAL B 44 3.70 -21.76 -40.53
C VAL B 44 3.38 -22.23 -39.11
N SER B 45 3.56 -23.53 -38.86
CA SER B 45 3.36 -24.12 -37.55
C SER B 45 4.58 -24.89 -37.12
N ILE B 46 4.85 -24.87 -35.80
CA ILE B 46 5.99 -25.55 -35.20
C ILE B 46 5.46 -26.50 -34.14
N MET B 47 5.98 -27.72 -34.13
CA MET B 47 5.57 -28.72 -33.15
C MET B 47 6.69 -29.74 -32.95
N GLY B 48 6.55 -30.51 -31.87
CA GLY B 48 7.50 -31.57 -31.60
C GLY B 48 8.01 -31.59 -30.17
N ALA B 49 8.13 -32.79 -29.60
CA ALA B 49 8.71 -33.01 -28.28
C ALA B 49 7.95 -32.27 -27.18
N SER B 50 8.46 -32.34 -25.95
CA SER B 50 7.86 -31.63 -24.83
C SER B 50 8.87 -30.99 -23.89
N GLY B 51 10.17 -31.06 -24.20
CA GLY B 51 11.17 -30.50 -23.33
C GLY B 51 12.16 -29.61 -24.06
N SER B 52 12.07 -29.58 -25.39
CA SER B 52 12.94 -28.72 -26.18
C SER B 52 12.41 -27.29 -26.16
N GLY B 53 13.13 -26.40 -26.83
CA GLY B 53 12.79 -24.98 -26.80
C GLY B 53 11.81 -24.57 -27.87
N LYS B 54 10.54 -24.35 -27.48
CA LYS B 54 9.53 -23.83 -28.38
C LYS B 54 9.08 -22.44 -27.99
N THR B 55 8.57 -22.26 -26.77
CA THR B 55 8.21 -20.94 -26.30
C THR B 55 9.43 -20.05 -26.19
N THR B 56 10.59 -20.62 -25.85
CA THR B 56 11.82 -19.84 -25.90
C THR B 56 12.14 -19.42 -27.33
N LEU B 57 11.85 -20.29 -28.30
CA LEU B 57 12.06 -19.94 -29.70
C LEU B 57 11.17 -18.77 -30.10
N LEU B 58 9.90 -18.78 -29.69
CA LEU B 58 9.03 -17.64 -29.97
C LEU B 58 9.53 -16.37 -29.25
N ASN B 59 9.96 -16.51 -28.00
CA ASN B 59 10.41 -15.34 -27.25
C ASN B 59 11.62 -14.70 -27.91
N VAL B 60 12.59 -15.51 -28.33
CA VAL B 60 13.77 -14.94 -28.98
C VAL B 60 13.44 -14.46 -30.38
N LEU B 61 12.47 -15.10 -31.06
CA LEU B 61 12.09 -14.67 -32.39
C LEU B 61 11.48 -13.27 -32.36
N SER B 62 10.64 -13.00 -31.37
CA SER B 62 10.11 -11.66 -31.16
C SER B 62 11.16 -10.84 -30.41
N SER B 63 10.77 -9.65 -29.93
CA SER B 63 11.66 -8.78 -29.20
C SER B 63 11.45 -8.87 -27.70
N ILE B 64 10.61 -9.80 -27.23
CA ILE B 64 10.30 -9.88 -25.81
C ILE B 64 11.49 -10.39 -25.00
N ASP B 65 12.48 -11.00 -25.65
CA ASP B 65 13.64 -11.53 -24.97
C ASP B 65 14.88 -11.20 -25.80
N GLN B 66 16.04 -11.66 -25.32
CA GLN B 66 17.31 -11.39 -25.96
C GLN B 66 17.89 -12.67 -26.55
N VAL B 67 19.03 -12.54 -27.23
CA VAL B 67 19.70 -13.64 -27.88
C VAL B 67 21.17 -13.61 -27.50
N SER B 68 21.83 -14.75 -27.65
CA SER B 68 23.26 -14.87 -27.34
C SER B 68 24.13 -14.80 -28.59
N HIS B 69 23.83 -15.61 -29.61
CA HIS B 69 24.60 -15.62 -30.84
C HIS B 69 23.64 -15.79 -32.02
N GLY B 70 23.62 -14.82 -32.91
CA GLY B 70 22.78 -14.91 -34.09
C GLY B 70 22.27 -13.54 -34.49
N THR B 71 21.65 -13.51 -35.67
CA THR B 71 21.06 -12.29 -36.22
C THR B 71 19.68 -12.62 -36.77
N ILE B 72 18.73 -11.71 -36.55
CA ILE B 72 17.36 -11.86 -37.03
C ILE B 72 16.95 -10.61 -37.79
N HIS B 73 16.35 -10.79 -38.96
CA HIS B 73 15.89 -9.69 -39.80
C HIS B 73 14.38 -9.76 -39.93
N ILE B 74 13.70 -8.65 -39.65
CA ILE B 74 12.26 -8.53 -39.87
C ILE B 74 12.00 -7.22 -40.59
N ASN B 75 11.32 -7.30 -41.74
CA ASN B 75 10.99 -6.12 -42.54
C ASN B 75 12.23 -5.29 -42.86
N GLY B 76 13.33 -5.98 -43.18
CA GLY B 76 14.54 -5.29 -43.59
C GLY B 76 15.51 -4.98 -42.48
N ASN B 77 15.11 -4.13 -41.53
CA ASN B 77 16.03 -3.70 -40.49
C ASN B 77 16.35 -4.84 -39.52
N ASP B 78 17.45 -4.65 -38.79
CA ASP B 78 18.03 -5.69 -37.94
C ASP B 78 18.06 -5.24 -36.50
N MET B 79 17.84 -6.18 -35.58
CA MET B 79 17.85 -5.90 -34.14
C MET B 79 19.19 -6.31 -33.55
N THR B 80 20.20 -5.47 -33.79
CA THR B 80 21.49 -5.60 -33.13
C THR B 80 21.83 -4.39 -32.28
N ALA B 81 21.70 -3.18 -32.84
CA ALA B 81 21.92 -1.95 -32.11
C ALA B 81 20.61 -1.30 -31.68
N MET B 82 19.49 -1.96 -31.90
CA MET B 82 18.19 -1.39 -31.54
C MET B 82 18.08 -1.25 -30.02
N LYS B 83 17.61 -0.10 -29.58
CA LYS B 83 17.51 0.20 -28.16
C LYS B 83 16.21 -0.40 -27.60
N GLU B 84 15.88 -0.05 -26.36
CA GLU B 84 14.67 -0.55 -25.72
C GLU B 84 13.47 0.37 -25.89
N LYS B 85 13.61 1.46 -26.65
CA LYS B 85 12.52 2.38 -26.89
C LYS B 85 11.83 2.10 -28.22
N GLN B 86 12.60 2.13 -29.31
CA GLN B 86 12.03 1.81 -30.62
C GLN B 86 11.56 0.37 -30.67
N LEU B 87 12.25 -0.53 -29.96
CA LEU B 87 11.81 -1.92 -29.91
C LEU B 87 10.43 -2.05 -29.26
N ALA B 88 10.23 -1.35 -28.15
CA ALA B 88 8.93 -1.37 -27.49
C ALA B 88 7.87 -0.73 -28.36
N GLU B 89 8.21 0.36 -29.04
CA GLU B 89 7.25 1.00 -29.94
C GLU B 89 6.83 0.05 -31.06
N PHE B 90 7.80 -0.67 -31.65
CA PHE B 90 7.50 -1.62 -32.70
C PHE B 90 6.64 -2.77 -32.19
N ARG B 91 6.96 -3.28 -30.99
CA ARG B 91 6.15 -4.33 -30.40
C ARG B 91 4.74 -3.85 -30.08
N LYS B 92 4.59 -2.56 -29.83
CA LYS B 92 3.25 -2.02 -29.57
C LYS B 92 2.45 -1.86 -30.87
N GLN B 93 3.11 -1.46 -31.96
CA GLN B 93 2.37 -1.19 -33.18
C GLN B 93 2.01 -2.46 -33.97
N HIS B 94 2.70 -3.57 -33.73
CA HIS B 94 2.42 -4.82 -34.43
C HIS B 94 2.61 -5.97 -33.45
N LEU B 95 2.70 -7.19 -33.98
CA LEU B 95 3.07 -8.39 -33.22
C LEU B 95 2.09 -8.65 -32.07
N GLY B 96 0.85 -8.95 -32.45
CA GLY B 96 -0.11 -9.44 -31.48
C GLY B 96 0.35 -10.75 -30.88
N PHE B 97 0.09 -10.91 -29.58
CA PHE B 97 0.61 -12.03 -28.81
C PHE B 97 -0.50 -12.84 -28.17
N ILE B 98 -0.28 -14.15 -28.07
CA ILE B 98 -1.13 -15.06 -27.31
C ILE B 98 -0.19 -15.89 -26.43
N PHE B 99 -0.22 -15.65 -25.14
CA PHE B 99 0.70 -16.32 -24.23
C PHE B 99 0.15 -17.68 -23.79
N GLN B 100 1.01 -18.46 -23.13
CA GLN B 100 0.62 -19.78 -22.64
C GLN B 100 0.09 -19.75 -21.22
N ASP B 101 0.72 -18.97 -20.34
CA ASP B 101 0.35 -18.92 -18.94
C ASP B 101 -0.82 -17.97 -18.66
N TYR B 102 -1.57 -17.59 -19.69
CA TYR B 102 -2.81 -16.83 -19.55
C TYR B 102 -2.55 -15.47 -18.89
N ASN B 103 -1.74 -14.66 -19.56
CA ASN B 103 -1.31 -13.39 -18.98
C ASN B 103 -2.44 -12.36 -18.99
N LEU B 104 -3.30 -12.41 -17.98
CA LEU B 104 -4.34 -11.42 -17.78
C LEU B 104 -4.01 -10.55 -16.59
N LEU B 105 -4.77 -9.46 -16.45
CA LEU B 105 -4.59 -8.52 -15.35
C LEU B 105 -5.70 -8.76 -14.32
N ASP B 106 -5.31 -8.99 -13.07
CA ASP B 106 -6.26 -9.28 -12.00
C ASP B 106 -6.97 -8.04 -11.49
N THR B 107 -6.47 -6.85 -11.79
CA THR B 107 -7.06 -5.60 -11.31
C THR B 107 -7.98 -4.96 -12.34
N LEU B 108 -8.29 -5.66 -13.42
CA LEU B 108 -9.19 -5.14 -14.45
C LEU B 108 -10.30 -6.13 -14.73
N THR B 109 -11.09 -5.88 -15.77
CA THR B 109 -12.20 -6.73 -16.16
C THR B 109 -11.86 -7.37 -17.51
N VAL B 110 -12.80 -8.16 -18.04
CA VAL B 110 -12.61 -8.74 -19.37
C VAL B 110 -12.64 -7.66 -20.43
N LYS B 111 -13.63 -6.76 -20.35
CA LYS B 111 -13.75 -5.72 -21.38
C LYS B 111 -12.54 -4.79 -21.39
N GLU B 112 -12.07 -4.38 -20.22
CA GLU B 112 -10.90 -3.52 -20.16
C GLU B 112 -9.67 -4.23 -20.70
N ASN B 113 -9.51 -5.51 -20.36
CA ASN B 113 -8.37 -6.26 -20.85
C ASN B 113 -8.38 -6.37 -22.37
N ILE B 114 -9.58 -6.56 -22.95
CA ILE B 114 -9.67 -6.66 -24.40
C ILE B 114 -9.40 -5.30 -25.06
N LEU B 115 -9.93 -4.23 -24.47
CA LEU B 115 -9.89 -2.92 -25.12
C LEU B 115 -8.63 -2.11 -24.81
N LEU B 116 -7.78 -2.57 -23.90
CA LEU B 116 -6.61 -1.77 -23.53
C LEU B 116 -5.65 -1.51 -24.68
N PRO B 117 -5.22 -2.49 -25.47
CA PRO B 117 -4.25 -2.18 -26.55
C PRO B 117 -4.79 -1.26 -27.62
N LEU B 118 -6.11 -1.14 -27.76
CA LEU B 118 -6.71 -0.29 -28.77
C LEU B 118 -6.66 1.19 -28.41
N SER B 119 -6.27 1.52 -27.18
CA SER B 119 -6.39 2.88 -26.66
C SER B 119 -5.10 3.68 -26.80
N ILE B 120 -4.34 3.46 -27.88
CA ILE B 120 -3.06 4.14 -28.01
C ILE B 120 -3.17 5.44 -28.79
N THR B 121 -3.64 5.38 -30.04
CA THR B 121 -3.50 6.55 -30.93
C THR B 121 -4.64 7.56 -30.79
N LYS B 122 -5.82 7.21 -31.29
CA LYS B 122 -6.91 8.19 -31.33
C LYS B 122 -8.32 7.62 -31.16
N LEU B 123 -8.48 6.32 -30.92
CA LEU B 123 -9.79 5.69 -31.11
C LEU B 123 -10.83 6.29 -30.17
N SER B 124 -12.04 6.46 -30.68
CA SER B 124 -13.14 7.08 -29.95
C SER B 124 -14.01 6.01 -29.28
N LYS B 125 -14.84 6.49 -28.34
CA LYS B 125 -15.57 5.58 -27.46
C LYS B 125 -16.55 4.71 -28.25
N LYS B 126 -17.34 5.32 -29.13
CA LYS B 126 -18.36 4.56 -29.85
C LYS B 126 -17.73 3.53 -30.77
N GLU B 127 -16.68 3.91 -31.50
CA GLU B 127 -16.02 2.97 -32.40
C GLU B 127 -15.40 1.82 -31.61
N ALA B 128 -14.74 2.13 -30.49
CA ALA B 128 -14.14 1.07 -29.68
C ALA B 128 -15.21 0.13 -29.14
N ASN B 129 -16.34 0.67 -28.70
CA ASN B 129 -17.42 -0.16 -28.18
C ASN B 129 -17.97 -1.08 -29.26
N ARG B 130 -18.20 -0.54 -30.47
CA ARG B 130 -18.72 -1.37 -31.54
C ARG B 130 -17.73 -2.47 -31.94
N LYS B 131 -16.44 -2.12 -32.00
CA LYS B 131 -15.44 -3.12 -32.36
C LYS B 131 -15.38 -4.23 -31.31
N PHE B 132 -15.40 -3.86 -30.03
CA PHE B 132 -15.38 -4.90 -28.99
C PHE B 132 -16.62 -5.76 -29.06
N GLU B 133 -17.77 -5.15 -29.36
CA GLU B 133 -19.01 -5.91 -29.53
C GLU B 133 -18.85 -6.98 -30.61
N GLU B 134 -18.34 -6.57 -31.77
CA GLU B 134 -18.18 -7.51 -32.88
C GLU B 134 -17.22 -8.63 -32.51
N VAL B 135 -16.07 -8.28 -31.92
CA VAL B 135 -15.08 -9.30 -31.59
C VAL B 135 -15.60 -10.23 -30.50
N ALA B 136 -16.32 -9.69 -29.52
CA ALA B 136 -16.80 -10.50 -28.42
C ALA B 136 -17.82 -11.53 -28.88
N LYS B 137 -18.83 -11.09 -29.63
CA LYS B 137 -19.76 -12.13 -30.09
C LYS B 137 -19.25 -12.91 -31.29
N GLU B 138 -18.08 -12.55 -31.84
CA GLU B 138 -17.45 -13.45 -32.80
C GLU B 138 -16.90 -14.70 -32.11
N LEU B 139 -16.26 -14.52 -30.95
CA LEU B 139 -15.62 -15.63 -30.26
C LEU B 139 -16.60 -16.42 -29.39
N GLY B 140 -17.27 -15.74 -28.47
CA GLY B 140 -18.22 -16.40 -27.59
C GLY B 140 -18.20 -15.86 -26.18
N ILE B 141 -17.25 -14.98 -25.88
CA ILE B 141 -17.14 -14.39 -24.53
C ILE B 141 -18.03 -13.15 -24.53
N TYR B 142 -19.32 -13.39 -24.28
CA TYR B 142 -20.27 -12.31 -24.07
C TYR B 142 -21.08 -12.64 -22.82
N GLU B 143 -21.70 -11.61 -22.25
CA GLU B 143 -22.26 -11.63 -20.90
C GLU B 143 -21.21 -11.86 -19.83
N LEU B 144 -19.93 -11.77 -20.20
CA LEU B 144 -18.81 -11.82 -19.28
C LEU B 144 -18.00 -10.53 -19.35
N ARG B 145 -18.65 -9.43 -19.71
CA ARG B 145 -17.98 -8.15 -19.88
C ARG B 145 -17.84 -7.38 -18.57
N ASP B 146 -18.34 -7.91 -17.46
CA ASP B 146 -18.27 -7.24 -16.17
C ASP B 146 -17.86 -8.22 -15.07
N LYS B 147 -16.99 -9.17 -15.40
CA LYS B 147 -16.53 -10.18 -14.45
C LYS B 147 -15.01 -10.19 -14.43
N TYR B 148 -14.43 -10.15 -13.23
CA TYR B 148 -13.00 -10.18 -13.08
C TYR B 148 -12.45 -11.55 -13.48
N PRO B 149 -11.18 -11.62 -13.87
CA PRO B 149 -10.62 -12.92 -14.26
C PRO B 149 -10.30 -13.81 -13.06
N ASN B 150 -11.24 -13.90 -12.12
CA ASN B 150 -11.15 -14.83 -11.01
C ASN B 150 -12.45 -15.62 -10.94
N GLU B 151 -13.55 -14.97 -11.26
CA GLU B 151 -14.87 -15.58 -11.30
C GLU B 151 -15.15 -16.27 -12.61
N ILE B 152 -14.19 -16.27 -13.53
CA ILE B 152 -14.37 -16.79 -14.87
C ILE B 152 -13.80 -18.20 -14.92
N SER B 153 -14.21 -18.97 -15.92
CA SER B 153 -13.83 -20.37 -16.02
C SER B 153 -12.38 -20.49 -16.48
N GLY B 154 -11.96 -21.70 -16.85
CA GLY B 154 -10.59 -21.93 -17.25
C GLY B 154 -10.35 -21.91 -18.75
N GLY B 155 -11.41 -21.98 -19.54
CA GLY B 155 -11.30 -21.90 -20.99
C GLY B 155 -11.70 -20.54 -21.52
N GLN B 156 -12.59 -19.87 -20.77
CA GLN B 156 -12.96 -18.52 -21.16
C GLN B 156 -11.79 -17.56 -21.00
N LYS B 157 -10.87 -17.84 -20.07
CA LYS B 157 -9.64 -17.07 -20.01
C LYS B 157 -8.82 -17.24 -21.28
N GLN B 158 -8.74 -18.47 -21.79
CA GLN B 158 -8.04 -18.70 -23.06
C GLN B 158 -8.70 -17.94 -24.20
N ARG B 159 -10.03 -17.98 -24.24
CA ARG B 159 -10.74 -17.26 -25.30
C ARG B 159 -10.52 -15.76 -25.21
N THR B 160 -10.53 -15.20 -23.99
CA THR B 160 -10.25 -13.78 -23.82
C THR B 160 -8.83 -13.41 -24.25
N SER B 161 -7.85 -14.23 -23.86
CA SER B 161 -6.48 -13.95 -24.26
C SER B 161 -6.32 -14.03 -25.78
N ALA B 162 -7.00 -14.98 -26.40
CA ALA B 162 -6.95 -15.07 -27.87
C ALA B 162 -7.61 -13.85 -28.51
N GLY B 163 -8.74 -13.41 -27.96
CA GLY B 163 -9.45 -12.28 -28.55
C GLY B 163 -8.78 -10.94 -28.32
N ARG B 164 -7.89 -10.85 -27.34
CA ARG B 164 -7.18 -9.59 -27.12
C ARG B 164 -6.32 -9.20 -28.31
N ALA B 165 -5.77 -10.19 -29.03
CA ALA B 165 -4.79 -9.93 -30.06
C ALA B 165 -5.38 -9.70 -31.44
N PHE B 166 -6.71 -9.79 -31.59
CA PHE B 166 -7.35 -9.63 -32.89
C PHE B 166 -8.05 -8.29 -33.05
N ILE B 167 -7.86 -7.36 -32.12
CA ILE B 167 -8.72 -6.18 -32.07
C ILE B 167 -8.03 -4.95 -32.64
N HIS B 168 -6.70 -4.90 -32.60
CA HIS B 168 -5.97 -3.73 -33.06
C HIS B 168 -5.34 -3.92 -34.43
N ASP B 169 -5.86 -4.85 -35.22
CA ASP B 169 -5.45 -5.09 -36.60
C ASP B 169 -3.95 -5.34 -36.70
N PRO B 170 -3.46 -6.47 -36.21
CA PRO B 170 -2.02 -6.72 -36.23
C PRO B 170 -1.53 -7.13 -37.61
N SER B 171 -0.21 -6.98 -37.80
CA SER B 171 0.45 -7.42 -39.01
C SER B 171 1.09 -8.79 -38.88
N ILE B 172 1.54 -9.16 -37.69
CA ILE B 172 2.08 -10.48 -37.40
C ILE B 172 1.44 -10.98 -36.12
N ILE B 173 1.02 -12.25 -36.12
CA ILE B 173 0.40 -12.86 -34.95
C ILE B 173 1.26 -14.02 -34.48
N PHE B 174 1.65 -14.02 -33.22
CA PHE B 174 2.40 -15.11 -32.60
C PHE B 174 1.46 -15.88 -31.70
N ALA B 175 1.30 -17.17 -31.96
CA ALA B 175 0.41 -18.02 -31.20
C ALA B 175 1.20 -19.05 -30.41
N ASP B 176 0.70 -19.38 -29.21
CA ASP B 176 1.35 -20.34 -28.33
C ASP B 176 0.27 -21.24 -27.75
N GLN B 177 0.00 -22.36 -28.42
CA GLN B 177 -1.03 -23.32 -28.05
C GLN B 177 -2.38 -22.64 -27.89
N PRO B 178 -2.96 -22.11 -28.97
CA PRO B 178 -4.30 -21.50 -28.84
C PRO B 178 -5.36 -22.49 -28.38
N THR B 179 -5.28 -23.74 -28.82
CA THR B 179 -6.27 -24.77 -28.46
C THR B 179 -5.66 -25.64 -27.37
N GLY B 180 -5.64 -25.11 -26.15
CA GLY B 180 -5.10 -25.83 -25.02
C GLY B 180 -6.16 -26.36 -24.08
N ALA B 181 -7.22 -25.59 -23.87
CA ALA B 181 -8.29 -25.96 -22.96
C ALA B 181 -9.65 -25.79 -23.63
N LEU B 182 -9.73 -26.10 -24.91
CA LEU B 182 -10.98 -25.99 -25.66
C LEU B 182 -11.31 -27.33 -26.30
N ASP B 183 -12.62 -27.58 -26.47
CA ASP B 183 -13.08 -28.82 -27.06
C ASP B 183 -12.91 -28.73 -28.58
N SER B 184 -13.52 -29.68 -29.30
CA SER B 184 -13.35 -29.73 -30.75
C SER B 184 -14.01 -28.53 -31.44
N LYS B 185 -15.23 -28.19 -31.03
CA LYS B 185 -15.99 -27.16 -31.73
C LYS B 185 -15.35 -25.79 -31.58
N SER B 186 -15.02 -25.40 -30.34
CA SER B 186 -14.44 -24.08 -30.11
C SER B 186 -13.06 -23.97 -30.75
N ALA B 187 -12.26 -25.03 -30.69
CA ALA B 187 -10.96 -25.02 -31.34
C ALA B 187 -11.11 -24.88 -32.84
N SER B 188 -12.09 -25.57 -33.43
CA SER B 188 -12.34 -25.43 -34.87
C SER B 188 -12.75 -24.00 -35.21
N ASP B 189 -13.59 -23.39 -34.38
CA ASP B 189 -14.02 -22.01 -34.64
C ASP B 189 -12.84 -21.06 -34.58
N LEU B 190 -11.98 -21.19 -33.56
CA LEU B 190 -10.83 -20.32 -33.44
C LEU B 190 -9.87 -20.50 -34.61
N LEU B 191 -9.60 -21.75 -35.00
CA LEU B 191 -8.71 -22.00 -36.12
C LEU B 191 -9.28 -21.46 -37.42
N ASN B 192 -10.60 -21.60 -37.61
CA ASN B 192 -11.22 -21.05 -38.82
C ASN B 192 -11.11 -19.54 -38.86
N LYS B 193 -11.30 -18.88 -37.71
CA LYS B 193 -11.12 -17.43 -37.68
C LYS B 193 -9.68 -17.03 -38.00
N LEU B 194 -8.71 -17.76 -37.45
CA LEU B 194 -7.32 -17.47 -37.76
C LEU B 194 -7.03 -17.63 -39.25
N SER B 195 -7.55 -18.71 -39.84
CA SER B 195 -7.34 -18.94 -41.27
C SER B 195 -8.00 -17.85 -42.11
N GLN B 196 -9.21 -17.42 -41.72
CA GLN B 196 -9.88 -16.34 -42.45
C GLN B 196 -9.08 -15.04 -42.36
N LEU B 197 -8.55 -14.73 -41.18
CA LEU B 197 -7.75 -13.53 -41.02
C LEU B 197 -6.49 -13.60 -41.88
N ASN B 198 -5.87 -14.78 -41.96
CA ASN B 198 -4.70 -14.93 -42.82
C ASN B 198 -5.05 -14.78 -44.30
N GLN B 199 -6.20 -15.32 -44.70
CA GLN B 199 -6.54 -15.37 -46.12
C GLN B 199 -7.04 -14.03 -46.65
N LYS B 200 -8.08 -13.48 -46.01
CA LYS B 200 -8.69 -12.25 -46.52
C LYS B 200 -7.72 -11.08 -46.50
N ARG B 201 -6.92 -10.96 -45.44
CA ARG B 201 -5.93 -9.90 -45.32
C ARG B 201 -4.55 -10.52 -45.09
N ASN B 202 -3.56 -10.01 -45.80
CA ASN B 202 -2.21 -10.56 -45.70
C ASN B 202 -1.64 -10.30 -44.31
N ALA B 203 -1.56 -11.36 -43.50
CA ALA B 203 -1.02 -11.23 -42.15
C ALA B 203 -0.49 -12.59 -41.73
N THR B 204 0.83 -12.71 -41.62
CA THR B 204 1.44 -13.99 -41.27
C THR B 204 1.02 -14.42 -39.88
N ILE B 205 0.86 -15.73 -39.71
CA ILE B 205 0.48 -16.33 -38.43
C ILE B 205 1.44 -17.47 -38.14
N ILE B 206 2.04 -17.45 -36.95
CA ILE B 206 2.91 -18.51 -36.48
C ILE B 206 2.28 -19.13 -35.25
N MET B 207 2.00 -20.43 -35.31
CA MET B 207 1.27 -21.13 -34.26
C MET B 207 2.04 -22.37 -33.83
N VAL B 208 2.10 -22.59 -32.52
CA VAL B 208 2.78 -23.75 -31.94
C VAL B 208 1.74 -24.56 -31.19
N THR B 209 1.62 -25.84 -31.53
CA THR B 209 0.61 -26.68 -30.92
C THR B 209 1.07 -28.13 -30.95
N HIS B 210 0.39 -28.97 -30.16
CA HIS B 210 0.69 -30.39 -30.08
C HIS B 210 -0.34 -31.27 -30.76
N ASP B 211 -1.59 -30.82 -30.87
CA ASP B 211 -2.64 -31.63 -31.47
C ASP B 211 -2.52 -31.61 -32.99
N PRO B 212 -2.43 -32.77 -33.65
CA PRO B 212 -2.30 -32.78 -35.11
C PRO B 212 -3.48 -32.16 -35.83
N VAL B 213 -4.68 -32.18 -35.24
CA VAL B 213 -5.85 -31.62 -35.91
C VAL B 213 -5.66 -30.12 -36.13
N ALA B 214 -5.14 -29.41 -35.11
CA ALA B 214 -4.89 -27.99 -35.27
C ALA B 214 -3.84 -27.72 -36.35
N ALA B 215 -2.79 -28.53 -36.38
CA ALA B 215 -1.75 -28.35 -37.38
C ALA B 215 -2.19 -28.75 -38.78
N SER B 216 -3.31 -29.46 -38.90
CA SER B 216 -3.82 -29.82 -40.23
C SER B 216 -4.29 -28.58 -40.98
N TYR B 217 -4.86 -27.60 -40.27
CA TYR B 217 -5.33 -26.37 -40.91
C TYR B 217 -4.21 -25.53 -41.49
N CYS B 218 -2.96 -25.82 -41.15
CA CYS B 218 -1.85 -24.96 -41.47
C CYS B 218 -1.42 -25.14 -42.92
N GLY B 219 -0.33 -24.49 -43.29
CA GLY B 219 0.23 -24.61 -44.62
C GLY B 219 1.58 -25.31 -44.60
N ARG B 220 2.30 -25.18 -43.48
CA ARG B 220 3.57 -25.84 -43.29
C ARG B 220 3.68 -26.29 -41.85
N VAL B 221 4.45 -27.37 -41.63
CA VAL B 221 4.67 -27.92 -40.30
C VAL B 221 6.17 -28.12 -40.13
N ILE B 222 6.70 -27.66 -39.01
CA ILE B 222 8.12 -27.77 -38.69
C ILE B 222 8.27 -28.60 -37.42
N PHE B 223 9.11 -29.64 -37.50
CA PHE B 223 9.37 -30.50 -36.36
C PHE B 223 10.71 -30.11 -35.74
N ILE B 224 10.73 -29.98 -34.41
CA ILE B 224 11.92 -29.59 -33.68
C ILE B 224 12.23 -30.66 -32.64
N LYS B 225 13.50 -31.06 -32.56
CA LYS B 225 13.92 -32.11 -31.63
C LYS B 225 15.30 -31.76 -31.10
N ASP B 226 15.38 -31.50 -29.80
CA ASP B 226 16.64 -31.16 -29.12
C ASP B 226 17.30 -29.95 -29.76
N GLY B 227 16.50 -28.92 -30.07
CA GLY B 227 17.02 -27.69 -30.62
C GLY B 227 17.66 -27.84 -31.98
N GLN B 228 17.02 -28.59 -32.88
CA GLN B 228 17.55 -28.80 -34.21
C GLN B 228 16.40 -28.94 -35.20
N MET B 229 16.70 -28.71 -36.47
CA MET B 229 15.72 -28.84 -37.55
C MET B 229 15.69 -30.28 -38.03
N TYR B 230 14.58 -30.97 -37.78
CA TYR B 230 14.40 -32.36 -38.18
C TYR B 230 13.14 -32.45 -39.02
N THR B 231 13.30 -32.66 -40.33
CA THR B 231 12.21 -32.79 -41.30
C THR B 231 11.41 -31.49 -41.44
N GLN B 232 10.80 -31.30 -42.60
CA GLN B 232 10.03 -30.09 -42.86
C GLN B 232 9.07 -30.38 -44.01
N LEU B 233 7.77 -30.40 -43.70
CA LEU B 233 6.77 -30.65 -44.73
C LEU B 233 6.45 -29.36 -45.49
N ASN B 234 5.68 -29.51 -46.57
CA ASN B 234 5.30 -28.39 -47.40
C ASN B 234 3.83 -28.37 -47.81
N LYS B 235 3.09 -29.46 -47.61
CA LYS B 235 1.69 -29.54 -48.00
C LYS B 235 1.52 -29.25 -49.49
N GLY B 236 1.21 -28.00 -49.82
CA GLY B 236 1.04 -27.61 -51.21
C GLY B 236 -0.27 -28.06 -51.81
N GLY B 237 -0.23 -28.57 -53.03
CA GLY B 237 -1.43 -29.03 -53.69
C GLY B 237 -1.95 -30.34 -53.15
N GLN B 238 -2.42 -30.32 -51.91
CA GLN B 238 -2.92 -31.52 -51.25
C GLN B 238 -4.18 -31.18 -50.47
N ASP B 239 -5.00 -32.20 -50.22
CA ASP B 239 -6.20 -32.02 -49.42
C ASP B 239 -5.85 -32.11 -47.94
N ARG B 240 -6.82 -31.72 -47.10
CA ARG B 240 -6.59 -31.71 -45.66
C ARG B 240 -6.38 -33.12 -45.11
N GLN B 241 -7.16 -34.09 -45.61
CA GLN B 241 -7.07 -35.45 -45.07
C GLN B 241 -5.70 -36.07 -45.31
N THR B 242 -5.17 -35.92 -46.53
CA THR B 242 -3.85 -36.48 -46.83
C THR B 242 -2.77 -35.83 -45.99
N PHE B 243 -2.85 -34.51 -45.82
CA PHE B 243 -1.89 -33.81 -44.98
C PHE B 243 -1.97 -34.29 -43.53
N PHE B 244 -3.19 -34.46 -43.01
CA PHE B 244 -3.34 -34.93 -41.64
C PHE B 244 -2.78 -36.33 -41.46
N GLN B 245 -3.03 -37.22 -42.44
CA GLN B 245 -2.48 -38.56 -42.37
C GLN B 245 -0.95 -38.53 -42.42
N ASP B 246 -0.39 -37.64 -43.24
CA ASP B 246 1.07 -37.52 -43.31
C ASP B 246 1.63 -37.03 -41.98
N ILE B 247 0.96 -36.06 -41.35
CA ILE B 247 1.40 -35.58 -40.04
C ILE B 247 1.36 -36.71 -39.02
N MET B 248 0.28 -37.49 -39.02
CA MET B 248 0.17 -38.59 -38.06
C MET B 248 1.27 -39.63 -38.29
N LYS B 249 1.53 -39.96 -39.55
CA LYS B 249 2.59 -40.95 -39.83
C LYS B 249 3.96 -40.42 -39.42
N THR B 250 4.24 -39.16 -39.71
CA THR B 250 5.54 -38.59 -39.35
C THR B 250 5.70 -38.53 -37.83
N GLN B 251 4.64 -38.18 -37.10
CA GLN B 251 4.70 -38.18 -35.65
C GLN B 251 4.92 -39.59 -35.11
N GLY B 252 4.26 -40.58 -35.73
CA GLY B 252 4.49 -41.95 -35.31
C GLY B 252 5.92 -42.40 -35.55
N VAL B 253 6.51 -41.96 -36.66
CA VAL B 253 7.91 -42.29 -36.92
C VAL B 253 8.81 -41.69 -35.84
N LEU B 254 8.57 -40.44 -35.46
CA LEU B 254 9.37 -39.78 -34.44
C LEU B 254 9.14 -40.43 -33.07
N VAL C 10 -20.48 -50.33 -4.10
CA VAL C 10 -20.44 -48.94 -4.56
C VAL C 10 -19.63 -48.09 -3.60
N ILE C 11 -19.18 -46.93 -4.07
CA ILE C 11 -18.42 -46.01 -3.24
C ILE C 11 -19.12 -44.65 -3.21
N LEU C 12 -19.24 -44.02 -4.38
CA LEU C 12 -19.93 -42.74 -4.49
C LEU C 12 -21.41 -42.97 -4.74
N GLU C 13 -22.25 -42.17 -4.07
CA GLU C 13 -23.70 -42.29 -4.24
C GLU C 13 -24.29 -40.89 -4.04
N ALA C 14 -24.51 -40.19 -5.14
CA ALA C 14 -25.07 -38.84 -5.12
C ALA C 14 -26.56 -38.89 -5.43
N ASN C 15 -27.29 -37.89 -4.92
CA ASN C 15 -28.73 -37.80 -5.11
C ASN C 15 -29.10 -36.33 -5.25
N LYS C 16 -29.33 -35.90 -6.49
CA LYS C 16 -29.80 -34.53 -6.79
C LYS C 16 -28.83 -33.49 -6.24
N ILE C 17 -27.60 -33.51 -6.78
CA ILE C 17 -26.61 -32.50 -6.44
C ILE C 17 -27.00 -31.18 -7.07
N ARG C 18 -26.91 -30.10 -6.29
CA ARG C 18 -27.16 -28.76 -6.81
C ARG C 18 -26.14 -27.80 -6.22
N LYS C 19 -25.58 -26.94 -7.08
CA LYS C 19 -24.59 -25.97 -6.68
C LYS C 19 -24.94 -24.62 -7.29
N SER C 20 -24.64 -23.54 -6.56
CA SER C 20 -24.96 -22.20 -7.02
C SER C 20 -23.86 -21.23 -6.62
N TYR C 21 -23.35 -20.48 -7.60
CA TYR C 21 -22.38 -19.42 -7.38
C TYR C 21 -23.12 -18.09 -7.30
N GLY C 22 -22.95 -17.37 -6.20
CA GLY C 22 -23.61 -16.09 -6.06
C GLY C 22 -23.46 -15.55 -4.66
N ASN C 23 -24.21 -14.47 -4.39
CA ASN C 23 -24.19 -13.80 -3.10
C ASN C 23 -25.60 -13.46 -2.67
N LYS C 24 -26.53 -14.41 -2.84
CA LYS C 24 -27.94 -14.35 -2.45
C LYS C 24 -28.74 -13.33 -3.24
N LEU C 25 -28.12 -12.58 -4.15
CA LEU C 25 -28.83 -11.63 -5.00
C LEU C 25 -28.70 -11.97 -6.48
N ASN C 26 -27.49 -12.23 -6.95
CA ASN C 26 -27.23 -12.67 -8.33
C ASN C 26 -26.73 -14.10 -8.26
N LYS C 27 -27.65 -15.05 -8.23
CA LYS C 27 -27.33 -16.46 -8.10
C LYS C 27 -27.54 -17.16 -9.43
N GLN C 28 -26.50 -17.85 -9.90
CA GLN C 28 -26.57 -18.64 -11.12
C GLN C 28 -26.73 -20.11 -10.76
N GLU C 29 -26.88 -20.94 -11.80
CA GLU C 29 -27.01 -22.38 -11.64
C GLU C 29 -25.98 -23.06 -12.54
N VAL C 30 -25.16 -23.92 -11.96
CA VAL C 30 -24.19 -24.68 -12.74
C VAL C 30 -24.40 -26.18 -12.65
N LEU C 31 -25.18 -26.67 -11.69
CA LEU C 31 -25.47 -28.10 -11.56
C LEU C 31 -26.92 -28.27 -11.18
N LYS C 32 -27.62 -29.19 -11.86
CA LYS C 32 -29.04 -29.41 -11.64
C LYS C 32 -29.32 -30.91 -11.75
N GLY C 33 -29.30 -31.60 -10.61
CA GLY C 33 -29.69 -33.00 -10.58
C GLY C 33 -28.72 -33.95 -11.24
N ILE C 34 -27.53 -34.13 -10.66
CA ILE C 34 -26.51 -35.03 -11.18
C ILE C 34 -26.45 -36.25 -10.28
N ASP C 35 -26.49 -37.44 -10.88
CA ASP C 35 -26.44 -38.70 -10.15
C ASP C 35 -25.31 -39.56 -10.68
N ILE C 36 -24.43 -39.98 -9.78
CA ILE C 36 -23.26 -40.81 -10.13
C ILE C 36 -23.25 -42.02 -9.21
N HIS C 37 -22.88 -43.17 -9.77
CA HIS C 37 -22.92 -44.44 -9.05
C HIS C 37 -21.64 -45.24 -9.27
N ILE C 38 -20.49 -44.60 -9.06
CA ILE C 38 -19.22 -45.29 -9.22
C ILE C 38 -19.14 -46.48 -8.27
N GLU C 39 -18.59 -47.59 -8.77
CA GLU C 39 -18.35 -48.78 -7.98
C GLU C 39 -16.85 -49.01 -7.82
N LYS C 40 -16.49 -49.81 -6.82
CA LYS C 40 -15.10 -50.04 -6.50
C LYS C 40 -14.36 -50.64 -7.69
N GLY C 41 -13.18 -50.10 -7.98
CA GLY C 41 -12.40 -50.55 -9.12
C GLY C 41 -13.02 -50.16 -10.44
N GLU C 42 -13.03 -48.86 -10.73
CA GLU C 42 -13.61 -48.34 -11.97
C GLU C 42 -12.71 -47.26 -12.53
N PHE C 43 -12.89 -46.97 -13.82
CA PHE C 43 -12.14 -45.93 -14.53
C PHE C 43 -13.15 -45.11 -15.31
N VAL C 44 -13.66 -44.05 -14.68
CA VAL C 44 -14.74 -43.25 -15.25
C VAL C 44 -14.17 -41.92 -15.73
N SER C 45 -14.73 -41.42 -16.83
CA SER C 45 -14.31 -40.14 -17.39
C SER C 45 -15.53 -39.29 -17.76
N ILE C 46 -15.39 -37.99 -17.53
CA ILE C 46 -16.45 -37.02 -17.80
C ILE C 46 -15.93 -36.04 -18.85
N MET C 47 -16.71 -35.83 -19.90
CA MET C 47 -16.31 -34.91 -20.97
C MET C 47 -17.54 -34.28 -21.58
N GLY C 48 -17.34 -33.08 -22.16
CA GLY C 48 -18.42 -32.37 -22.80
C GLY C 48 -18.40 -30.87 -22.58
N ALA C 49 -18.64 -30.11 -23.65
CA ALA C 49 -18.74 -28.65 -23.60
C ALA C 49 -17.49 -27.99 -23.06
N SER C 50 -17.54 -26.67 -22.85
CA SER C 50 -16.42 -25.92 -22.29
C SER C 50 -16.82 -24.92 -21.22
N GLY C 51 -18.11 -24.58 -21.11
CA GLY C 51 -18.56 -23.66 -20.08
C GLY C 51 -19.51 -24.33 -19.11
N SER C 52 -19.66 -25.65 -19.23
CA SER C 52 -20.53 -26.42 -18.35
C SER C 52 -19.78 -26.73 -17.06
N GLY C 53 -20.39 -27.55 -16.20
CA GLY C 53 -19.79 -27.85 -14.91
C GLY C 53 -19.00 -29.14 -14.87
N LYS C 54 -17.67 -29.05 -14.92
CA LYS C 54 -16.79 -30.20 -14.73
C LYS C 54 -15.87 -30.02 -13.55
N THR C 55 -15.10 -28.94 -13.50
CA THR C 55 -14.22 -28.69 -12.37
C THR C 55 -15.02 -28.50 -11.09
N THR C 56 -16.16 -27.82 -11.19
CA THR C 56 -17.05 -27.74 -10.03
C THR C 56 -17.58 -29.10 -9.63
N LEU C 57 -17.86 -29.98 -10.59
CA LEU C 57 -18.29 -31.33 -10.25
C LEU C 57 -17.21 -32.07 -9.47
N LEU C 58 -15.96 -31.96 -9.90
CA LEU C 58 -14.87 -32.59 -9.16
C LEU C 58 -14.71 -31.97 -7.78
N ASN C 59 -14.83 -30.66 -7.66
CA ASN C 59 -14.69 -30.01 -6.37
C ASN C 59 -15.82 -30.32 -5.41
N VAL C 60 -17.01 -30.66 -5.92
CA VAL C 60 -18.13 -30.96 -5.05
C VAL C 60 -18.24 -32.45 -4.72
N LEU C 61 -17.87 -33.34 -5.64
CA LEU C 61 -17.85 -34.77 -5.30
C LEU C 61 -16.78 -35.07 -4.26
N SER C 62 -15.71 -34.28 -4.22
CA SER C 62 -14.71 -34.40 -3.17
C SER C 62 -15.24 -33.66 -1.93
N SER C 63 -14.37 -33.42 -0.97
CA SER C 63 -14.75 -32.74 0.28
C SER C 63 -14.15 -31.35 0.37
N ILE C 64 -14.15 -30.61 -0.74
CA ILE C 64 -13.58 -29.27 -0.79
C ILE C 64 -14.67 -28.19 -0.83
N ASP C 65 -15.77 -28.44 -1.53
CA ASP C 65 -16.87 -27.50 -1.61
C ASP C 65 -18.15 -28.13 -1.11
N GLN C 66 -19.02 -27.31 -0.53
CA GLN C 66 -20.24 -27.78 0.11
C GLN C 66 -21.39 -27.84 -0.88
N VAL C 67 -22.23 -28.85 -0.73
CA VAL C 67 -23.40 -29.04 -1.58
C VAL C 67 -24.51 -28.12 -1.10
N SER C 68 -25.15 -27.42 -2.04
CA SER C 68 -26.28 -26.58 -1.68
C SER C 68 -27.51 -27.42 -1.33
N HIS C 69 -27.81 -28.43 -2.14
CA HIS C 69 -28.94 -29.32 -1.89
C HIS C 69 -28.59 -30.73 -2.36
N GLY C 70 -28.89 -31.71 -1.53
CA GLY C 70 -28.61 -33.10 -1.82
C GLY C 70 -27.63 -33.70 -0.83
N THR C 71 -27.39 -35.00 -1.00
CA THR C 71 -26.50 -35.75 -0.14
C THR C 71 -25.54 -36.59 -0.97
N ILE C 72 -24.32 -36.76 -0.46
CA ILE C 72 -23.32 -37.63 -1.08
C ILE C 72 -22.78 -38.55 -0.01
N HIS C 73 -22.68 -39.84 -0.32
CA HIS C 73 -22.18 -40.85 0.60
C HIS C 73 -20.90 -41.45 0.05
N ILE C 74 -19.86 -41.49 0.87
CA ILE C 74 -18.59 -42.09 0.51
C ILE C 74 -18.27 -43.18 1.54
N ASN C 75 -18.03 -44.39 1.07
CA ASN C 75 -17.72 -45.54 1.93
C ASN C 75 -18.81 -45.75 2.98
N GLY C 76 -20.07 -45.61 2.57
CA GLY C 76 -21.19 -45.84 3.45
C GLY C 76 -21.68 -44.62 4.20
N ASN C 77 -20.89 -44.13 5.15
CA ASN C 77 -21.28 -42.99 5.95
C ASN C 77 -21.33 -41.72 5.10
N ASP C 78 -22.27 -40.83 5.44
CA ASP C 78 -22.38 -39.57 4.73
C ASP C 78 -21.18 -38.67 5.02
N MET C 79 -21.03 -37.64 4.20
CA MET C 79 -19.87 -36.76 4.29
C MET C 79 -20.22 -35.28 4.32
N THR C 80 -21.34 -34.86 3.73
CA THR C 80 -21.70 -33.44 3.78
C THR C 80 -21.97 -32.98 5.21
N ALA C 81 -22.69 -33.79 5.98
CA ALA C 81 -22.94 -33.53 7.40
C ALA C 81 -22.01 -34.42 8.21
N MET C 82 -20.74 -34.03 8.28
CA MET C 82 -19.72 -34.85 8.90
C MET C 82 -18.81 -33.97 9.75
N LYS C 83 -18.36 -34.52 10.88
CA LYS C 83 -17.49 -33.78 11.78
C LYS C 83 -16.11 -33.58 11.16
N GLU C 84 -15.36 -32.65 11.74
CA GLU C 84 -14.09 -32.23 11.14
C GLU C 84 -12.98 -33.25 11.35
N LYS C 85 -12.95 -33.93 12.51
CA LYS C 85 -11.84 -34.82 12.82
C LYS C 85 -11.81 -36.02 11.88
N GLN C 86 -12.95 -36.70 11.72
CA GLN C 86 -13.00 -37.85 10.84
C GLN C 86 -12.82 -37.44 9.38
N LEU C 87 -13.30 -36.25 9.01
CA LEU C 87 -13.08 -35.75 7.65
C LEU C 87 -11.60 -35.52 7.38
N ALA C 88 -10.88 -34.95 8.34
CA ALA C 88 -9.44 -34.76 8.19
C ALA C 88 -8.72 -36.10 8.13
N GLU C 89 -9.16 -37.07 8.93
CA GLU C 89 -8.57 -38.41 8.85
C GLU C 89 -8.80 -39.02 7.47
N PHE C 90 -9.99 -38.84 6.91
CA PHE C 90 -10.26 -39.32 5.55
C PHE C 90 -9.35 -38.66 4.54
N ARG C 91 -9.17 -37.33 4.66
CA ARG C 91 -8.25 -36.63 3.77
C ARG C 91 -6.85 -37.21 3.87
N LYS C 92 -6.38 -37.47 5.08
CA LYS C 92 -5.01 -37.93 5.26
C LYS C 92 -4.81 -39.34 4.73
N GLN C 93 -5.77 -40.25 4.98
CA GLN C 93 -5.59 -41.65 4.63
C GLN C 93 -6.14 -42.02 3.26
N HIS C 94 -6.76 -41.08 2.54
CA HIS C 94 -7.30 -41.39 1.22
C HIS C 94 -7.19 -40.14 0.36
N LEU C 95 -7.94 -40.10 -0.73
CA LEU C 95 -8.07 -38.93 -1.59
C LEU C 95 -6.73 -38.63 -2.26
N GLY C 96 -6.61 -37.46 -2.87
CA GLY C 96 -5.49 -37.07 -3.69
C GLY C 96 -6.02 -36.42 -4.94
N PHE C 97 -5.65 -35.17 -5.19
CA PHE C 97 -6.36 -34.36 -6.17
C PHE C 97 -5.35 -33.64 -7.04
N ILE C 98 -5.73 -33.40 -8.29
CA ILE C 98 -4.89 -32.72 -9.27
C ILE C 98 -5.62 -31.45 -9.71
N PHE C 99 -4.91 -30.33 -9.67
CA PHE C 99 -5.49 -29.03 -9.96
C PHE C 99 -5.18 -28.61 -11.40
N GLN C 100 -6.17 -28.01 -12.06
CA GLN C 100 -5.96 -27.52 -13.42
C GLN C 100 -5.02 -26.33 -13.42
N ASP C 101 -5.07 -25.49 -12.38
CA ASP C 101 -4.24 -24.30 -12.30
C ASP C 101 -2.81 -24.60 -11.88
N TYR C 102 -2.48 -25.87 -11.62
CA TYR C 102 -1.14 -26.30 -11.24
C TYR C 102 -0.70 -25.63 -9.94
N ASN C 103 -1.45 -25.92 -8.88
CA ASN C 103 -1.27 -25.22 -7.62
C ASN C 103 0.01 -25.68 -6.92
N LEU C 104 1.13 -25.07 -7.26
CA LEU C 104 2.42 -25.36 -6.66
C LEU C 104 2.83 -24.23 -5.73
N LEU C 105 3.91 -24.47 -4.99
CA LEU C 105 4.46 -23.47 -4.08
C LEU C 105 5.73 -22.90 -4.70
N ASP C 106 5.74 -21.58 -4.90
CA ASP C 106 6.87 -20.93 -5.56
C ASP C 106 8.09 -20.78 -4.65
N THR C 107 7.92 -20.94 -3.34
CA THR C 107 9.02 -20.77 -2.41
C THR C 107 9.73 -22.07 -2.06
N LEU C 108 9.33 -23.18 -2.66
CA LEU C 108 10.02 -24.46 -2.52
C LEU C 108 10.51 -24.90 -3.89
N THR C 109 11.09 -26.09 -3.94
CA THR C 109 11.50 -26.68 -5.21
C THR C 109 10.73 -27.99 -5.42
N VAL C 110 11.13 -28.75 -6.43
CA VAL C 110 10.37 -29.94 -6.83
C VAL C 110 10.34 -30.96 -5.71
N LYS C 111 11.48 -31.20 -5.06
CA LYS C 111 11.59 -32.32 -4.11
C LYS C 111 10.65 -32.13 -2.92
N GLU C 112 10.72 -30.98 -2.25
CA GLU C 112 9.81 -30.76 -1.12
C GLU C 112 8.37 -30.65 -1.57
N ASN C 113 8.14 -30.05 -2.74
CA ASN C 113 6.76 -29.88 -3.20
C ASN C 113 6.12 -31.22 -3.52
N ILE C 114 6.92 -32.23 -3.85
CA ILE C 114 6.38 -33.58 -4.04
C ILE C 114 6.32 -34.34 -2.73
N LEU C 115 7.29 -34.12 -1.84
CA LEU C 115 7.36 -34.86 -0.58
C LEU C 115 6.45 -34.28 0.51
N LEU C 116 5.77 -33.18 0.24
CA LEU C 116 4.91 -32.57 1.25
C LEU C 116 3.91 -33.52 1.89
N PRO C 117 3.20 -34.40 1.17
CA PRO C 117 2.27 -35.32 1.86
C PRO C 117 2.95 -36.29 2.80
N LEU C 118 4.27 -36.51 2.66
CA LEU C 118 5.01 -37.42 3.52
C LEU C 118 5.59 -36.72 4.75
N SER C 119 5.26 -35.46 4.98
CA SER C 119 5.79 -34.70 6.10
C SER C 119 4.98 -34.86 7.37
N ILE C 120 3.86 -35.59 7.33
CA ILE C 120 3.06 -35.85 8.52
C ILE C 120 3.18 -37.30 8.98
N THR C 121 3.30 -38.25 8.08
CA THR C 121 3.43 -39.65 8.47
C THR C 121 4.80 -39.91 9.10
N LYS C 122 4.89 -41.04 9.80
CA LYS C 122 6.10 -41.39 10.56
C LYS C 122 6.96 -42.30 9.70
N LEU C 123 7.75 -41.69 8.83
CA LEU C 123 8.73 -42.39 8.01
C LEU C 123 10.09 -41.73 8.16
N SER C 124 11.13 -42.53 7.91
CA SER C 124 12.50 -42.08 8.09
C SER C 124 12.96 -41.24 6.91
N LYS C 125 14.20 -40.78 6.98
CA LYS C 125 14.78 -39.95 5.92
C LYS C 125 15.10 -40.73 4.65
N LYS C 126 15.23 -42.05 4.74
CA LYS C 126 15.60 -42.87 3.59
C LYS C 126 14.41 -43.37 2.78
N GLU C 127 13.34 -43.81 3.45
CA GLU C 127 12.20 -44.37 2.73
C GLU C 127 11.50 -43.32 1.89
N ALA C 128 11.30 -42.11 2.43
CA ALA C 128 10.66 -41.04 1.66
C ALA C 128 11.49 -40.67 0.45
N ASN C 129 12.81 -40.56 0.62
CA ASN C 129 13.68 -40.24 -0.50
C ASN C 129 13.64 -41.33 -1.56
N ARG C 130 13.62 -42.60 -1.14
CA ARG C 130 13.53 -43.69 -2.10
C ARG C 130 12.22 -43.65 -2.88
N LYS C 131 11.11 -43.38 -2.19
CA LYS C 131 9.83 -43.30 -2.87
C LYS C 131 9.80 -42.15 -3.87
N PHE C 132 10.34 -40.99 -3.48
CA PHE C 132 10.40 -39.87 -4.41
C PHE C 132 11.27 -40.20 -5.61
N GLU C 133 12.41 -40.86 -5.37
CA GLU C 133 13.29 -41.23 -6.47
C GLU C 133 12.61 -42.17 -7.44
N GLU C 134 11.83 -43.13 -6.92
CA GLU C 134 11.10 -44.04 -7.80
C GLU C 134 10.06 -43.28 -8.63
N VAL C 135 9.27 -42.42 -7.97
CA VAL C 135 8.23 -41.70 -8.69
C VAL C 135 8.84 -40.83 -9.78
N ALA C 136 9.93 -40.13 -9.47
CA ALA C 136 10.61 -39.34 -10.48
C ALA C 136 11.22 -40.21 -11.56
N LYS C 137 11.61 -41.45 -11.23
CA LYS C 137 12.24 -42.31 -12.22
C LYS C 137 11.24 -42.77 -13.27
N GLU C 138 10.07 -43.26 -12.86
CA GLU C 138 9.07 -43.64 -13.86
C GLU C 138 8.00 -42.57 -14.06
N LEU C 139 8.30 -41.31 -13.80
CA LEU C 139 7.46 -40.21 -14.25
C LEU C 139 8.10 -39.36 -15.33
N GLY C 140 9.44 -39.32 -15.41
CA GLY C 140 10.11 -38.57 -16.45
C GLY C 140 10.94 -37.41 -15.92
N ILE C 141 10.47 -36.77 -14.85
CA ILE C 141 11.14 -35.60 -14.28
C ILE C 141 11.99 -36.08 -13.12
N TYR C 142 13.28 -36.28 -13.40
CA TYR C 142 14.25 -36.63 -12.36
C TYR C 142 15.42 -35.67 -12.29
N GLU C 143 15.86 -35.11 -13.42
CA GLU C 143 16.92 -34.12 -13.39
C GLU C 143 16.44 -32.78 -12.84
N LEU C 144 15.14 -32.60 -12.64
CA LEU C 144 14.59 -31.36 -12.10
C LEU C 144 14.32 -31.56 -10.62
N ARG C 145 15.37 -31.42 -9.81
CA ARG C 145 15.25 -31.53 -8.36
C ARG C 145 15.76 -30.31 -7.61
N ASP C 146 16.64 -29.50 -8.21
CA ASP C 146 17.14 -28.28 -7.60
C ASP C 146 16.64 -27.04 -8.32
N LYS C 147 15.52 -27.13 -9.03
CA LYS C 147 14.96 -26.03 -9.80
C LYS C 147 13.59 -25.66 -9.24
N TYR C 148 13.40 -24.37 -9.00
CA TYR C 148 12.13 -23.89 -8.45
C TYR C 148 11.06 -23.91 -9.54
N PRO C 149 9.78 -24.07 -9.16
CA PRO C 149 8.68 -24.13 -10.15
C PRO C 149 8.30 -22.75 -10.69
N ASN C 150 9.32 -21.97 -11.05
CA ASN C 150 9.15 -20.73 -11.79
C ASN C 150 10.07 -20.64 -13.00
N GLU C 151 11.17 -21.37 -13.01
CA GLU C 151 12.06 -21.51 -14.16
C GLU C 151 11.89 -22.88 -14.82
N ILE C 152 10.66 -23.37 -14.86
CA ILE C 152 10.34 -24.69 -15.39
C ILE C 152 9.24 -24.54 -16.43
N SER C 153 9.28 -25.40 -17.44
CA SER C 153 8.38 -25.30 -18.59
C SER C 153 6.93 -25.56 -18.15
N GLY C 154 6.02 -25.47 -19.12
CA GLY C 154 4.60 -25.61 -18.86
C GLY C 154 4.06 -27.02 -18.80
N GLY C 155 4.86 -28.02 -19.17
CA GLY C 155 4.42 -29.39 -19.08
C GLY C 155 5.06 -30.13 -17.92
N GLN C 156 6.29 -29.74 -17.60
CA GLN C 156 6.96 -30.33 -16.45
C GLN C 156 6.26 -29.92 -15.15
N LYS C 157 5.67 -28.73 -15.11
CA LYS C 157 4.82 -28.36 -13.97
C LYS C 157 3.62 -29.28 -13.88
N GLN C 158 3.01 -29.61 -15.02
CA GLN C 158 1.89 -30.55 -15.03
C GLN C 158 2.32 -31.90 -14.49
N ARG C 159 3.50 -32.37 -14.91
CA ARG C 159 4.01 -33.66 -14.44
C ARG C 159 4.27 -33.63 -12.94
N THR C 160 4.80 -32.51 -12.43
CA THR C 160 5.02 -32.38 -10.99
C THR C 160 3.70 -32.43 -10.22
N SER C 161 2.70 -31.70 -10.70
CA SER C 161 1.40 -31.68 -10.03
C SER C 161 0.76 -33.07 -10.04
N ALA C 162 0.87 -33.78 -11.17
CA ALA C 162 0.32 -35.13 -11.23
C ALA C 162 1.09 -36.08 -10.33
N GLY C 163 2.41 -35.92 -10.24
CA GLY C 163 3.21 -36.78 -9.40
C GLY C 163 3.03 -36.56 -7.92
N ARG C 164 2.60 -35.36 -7.51
CA ARG C 164 2.28 -35.17 -6.11
C ARG C 164 0.87 -35.67 -5.80
N ALA C 165 0.56 -36.87 -6.28
CA ALA C 165 -0.67 -37.56 -5.89
C ALA C 165 -0.50 -39.05 -5.70
N PHE C 166 0.58 -39.66 -6.16
CA PHE C 166 0.80 -41.10 -6.05
C PHE C 166 1.82 -41.46 -4.98
N ILE C 167 2.40 -40.47 -4.29
CA ILE C 167 3.54 -40.74 -3.42
C ILE C 167 3.14 -41.33 -2.07
N HIS C 168 1.87 -41.30 -1.71
CA HIS C 168 1.43 -41.87 -0.45
C HIS C 168 0.44 -43.02 -0.63
N ASP C 169 0.43 -43.64 -1.81
CA ASP C 169 -0.42 -44.79 -2.12
C ASP C 169 -1.88 -44.49 -1.82
N PRO C 170 -2.53 -43.64 -2.60
CA PRO C 170 -3.92 -43.29 -2.32
C PRO C 170 -4.88 -44.39 -2.78
N SER C 171 -6.12 -44.27 -2.32
CA SER C 171 -7.18 -45.20 -2.72
C SER C 171 -8.19 -44.60 -3.69
N ILE C 172 -8.31 -43.28 -3.75
CA ILE C 172 -9.14 -42.60 -4.73
C ILE C 172 -8.34 -41.46 -5.31
N ILE C 173 -8.18 -41.44 -6.63
CA ILE C 173 -7.39 -40.42 -7.32
C ILE C 173 -8.33 -39.58 -8.16
N PHE C 174 -8.39 -38.28 -7.86
CA PHE C 174 -9.18 -37.33 -8.62
C PHE C 174 -8.26 -36.57 -9.58
N ALA C 175 -8.51 -36.70 -10.87
CA ALA C 175 -7.71 -36.06 -11.90
C ALA C 175 -8.53 -34.98 -12.59
N ASP C 176 -7.86 -33.88 -12.95
CA ASP C 176 -8.50 -32.74 -13.60
C ASP C 176 -7.63 -32.34 -14.79
N GLN C 177 -7.96 -32.88 -15.96
CA GLN C 177 -7.24 -32.62 -17.21
C GLN C 177 -5.75 -32.89 -17.05
N PRO C 178 -5.34 -34.16 -16.92
CA PRO C 178 -3.90 -34.43 -16.77
C PRO C 178 -3.12 -34.22 -18.05
N THR C 179 -3.68 -34.57 -19.21
CA THR C 179 -3.01 -34.42 -20.49
C THR C 179 -3.57 -33.20 -21.21
N GLY C 180 -3.02 -32.04 -20.86
CA GLY C 180 -3.45 -30.80 -21.47
C GLY C 180 -2.30 -30.05 -22.11
N ALA C 181 -1.08 -30.30 -21.63
CA ALA C 181 0.10 -29.64 -22.16
C ALA C 181 1.23 -30.64 -22.41
N LEU C 182 0.87 -31.85 -22.82
CA LEU C 182 1.84 -32.91 -23.10
C LEU C 182 1.61 -33.47 -24.49
N ASP C 183 2.68 -33.99 -25.09
CA ASP C 183 2.59 -34.59 -26.42
C ASP C 183 2.04 -36.00 -26.30
N SER C 184 2.13 -36.76 -27.39
CA SER C 184 1.51 -38.09 -27.41
C SER C 184 2.25 -39.07 -26.51
N LYS C 185 3.58 -39.05 -26.53
CA LYS C 185 4.35 -40.03 -25.77
C LYS C 185 4.13 -39.88 -24.27
N SER C 186 4.24 -38.65 -23.76
CA SER C 186 4.05 -38.42 -22.33
C SER C 186 2.63 -38.73 -21.90
N ALA C 187 1.65 -38.37 -22.74
CA ALA C 187 0.26 -38.68 -22.41
C ALA C 187 0.03 -40.18 -22.33
N SER C 188 0.61 -40.93 -23.28
CA SER C 188 0.48 -42.39 -23.23
C SER C 188 1.14 -42.95 -21.98
N ASP C 189 2.33 -42.44 -21.62
CA ASP C 189 3.00 -42.90 -20.42
C ASP C 189 2.13 -42.66 -19.18
N LEU C 190 1.59 -41.46 -19.05
CA LEU C 190 0.78 -41.14 -17.88
C LEU C 190 -0.47 -42.00 -17.82
N LEU C 191 -1.15 -42.17 -18.97
CA LEU C 191 -2.37 -42.96 -18.97
C LEU C 191 -2.11 -44.42 -18.65
N ASN C 192 -1.05 -45.01 -19.21
CA ASN C 192 -0.79 -46.41 -18.91
C ASN C 192 -0.32 -46.58 -17.46
N LYS C 193 0.40 -45.61 -16.91
CA LYS C 193 0.74 -45.68 -15.49
C LYS C 193 -0.52 -45.63 -14.62
N LEU C 194 -1.45 -44.74 -14.95
CA LEU C 194 -2.70 -44.68 -14.21
C LEU C 194 -3.47 -45.99 -14.31
N SER C 195 -3.48 -46.60 -15.51
CA SER C 195 -4.16 -47.87 -15.69
C SER C 195 -3.49 -48.96 -14.85
N GLN C 196 -2.16 -48.98 -14.80
CA GLN C 196 -1.45 -49.97 -14.01
C GLN C 196 -1.78 -49.82 -12.53
N LEU C 197 -1.78 -48.59 -12.02
CA LEU C 197 -2.22 -48.37 -10.65
C LEU C 197 -3.70 -48.69 -10.45
N ASN C 198 -4.50 -48.71 -11.52
CA ASN C 198 -5.91 -49.06 -11.36
C ASN C 198 -6.10 -50.57 -11.21
N GLN C 199 -5.25 -51.39 -11.82
CA GLN C 199 -5.46 -52.83 -11.83
C GLN C 199 -4.81 -53.53 -10.65
N LYS C 200 -3.53 -53.26 -10.40
CA LYS C 200 -2.82 -53.96 -9.33
C LYS C 200 -3.37 -53.59 -7.96
N ARG C 201 -3.33 -52.31 -7.62
CA ARG C 201 -3.89 -51.82 -6.36
C ARG C 201 -5.27 -51.23 -6.65
N ASN C 202 -6.32 -51.96 -6.26
CA ASN C 202 -7.68 -51.56 -6.57
C ASN C 202 -7.98 -50.16 -6.05
N ALA C 203 -8.19 -49.22 -6.96
CA ALA C 203 -8.40 -47.82 -6.58
C ALA C 203 -9.19 -47.14 -7.69
N THR C 204 -10.38 -46.65 -7.36
CA THR C 204 -11.21 -45.97 -8.35
C THR C 204 -10.53 -44.68 -8.81
N ILE C 205 -10.67 -44.36 -10.09
CA ILE C 205 -10.04 -43.20 -10.69
C ILE C 205 -11.08 -42.42 -11.48
N ILE C 206 -11.10 -41.11 -11.30
CA ILE C 206 -12.01 -40.22 -12.01
C ILE C 206 -11.20 -39.14 -12.71
N MET C 207 -11.40 -38.98 -14.01
CA MET C 207 -10.61 -38.08 -14.82
C MET C 207 -11.51 -37.34 -15.80
N VAL C 208 -11.23 -36.05 -16.00
CA VAL C 208 -11.97 -35.22 -16.95
C VAL C 208 -11.01 -34.73 -18.00
N THR C 209 -11.39 -34.86 -19.27
CA THR C 209 -10.50 -34.51 -20.36
C THR C 209 -11.32 -34.18 -21.60
N HIS C 210 -10.67 -33.56 -22.58
CA HIS C 210 -11.29 -33.19 -23.83
C HIS C 210 -10.78 -33.98 -25.03
N ASP C 211 -9.66 -34.69 -24.89
CA ASP C 211 -9.08 -35.42 -26.01
C ASP C 211 -9.68 -36.82 -26.09
N PRO C 212 -10.30 -37.20 -27.19
CA PRO C 212 -10.85 -38.57 -27.29
C PRO C 212 -9.79 -39.66 -27.17
N VAL C 213 -8.57 -39.41 -27.66
CA VAL C 213 -7.52 -40.42 -27.60
C VAL C 213 -7.20 -40.75 -26.14
N ALA C 214 -7.04 -39.70 -25.31
CA ALA C 214 -6.75 -39.93 -23.90
C ALA C 214 -7.92 -40.61 -23.19
N ALA C 215 -9.15 -40.25 -23.53
CA ALA C 215 -10.32 -40.82 -22.89
C ALA C 215 -10.64 -42.22 -23.39
N SER C 216 -9.99 -42.67 -24.47
CA SER C 216 -10.23 -44.03 -24.95
C SER C 216 -9.69 -45.10 -24.00
N TYR C 217 -8.72 -44.75 -23.15
CA TYR C 217 -8.15 -45.69 -22.20
C TYR C 217 -9.12 -46.09 -21.10
N CYS C 218 -10.24 -45.38 -20.97
CA CYS C 218 -11.13 -45.56 -19.82
C CYS C 218 -11.99 -46.80 -20.00
N GLY C 219 -12.98 -46.96 -19.13
CA GLY C 219 -13.92 -48.05 -19.23
C GLY C 219 -15.36 -47.56 -19.27
N ARG C 220 -15.54 -46.25 -19.07
CA ARG C 220 -16.86 -45.65 -19.11
C ARG C 220 -16.68 -44.15 -19.29
N VAL C 221 -17.64 -43.53 -19.99
CA VAL C 221 -17.62 -42.09 -20.22
C VAL C 221 -19.03 -41.54 -19.99
N ILE C 222 -19.10 -40.38 -19.35
CA ILE C 222 -20.35 -39.69 -19.07
C ILE C 222 -20.30 -38.32 -19.71
N PHE C 223 -21.28 -38.01 -20.54
CA PHE C 223 -21.36 -36.72 -21.22
C PHE C 223 -22.31 -35.81 -20.46
N ILE C 224 -21.84 -34.58 -20.18
CA ILE C 224 -22.61 -33.60 -19.41
C ILE C 224 -22.85 -32.39 -20.30
N LYS C 225 -24.12 -31.95 -20.36
CA LYS C 225 -24.51 -30.81 -21.19
C LYS C 225 -25.42 -29.92 -20.37
N ASP C 226 -24.97 -28.70 -20.08
CA ASP C 226 -25.72 -27.73 -19.28
C ASP C 226 -26.10 -28.32 -17.92
N GLY C 227 -25.12 -28.94 -17.27
CA GLY C 227 -25.32 -29.48 -15.94
C GLY C 227 -26.38 -30.56 -15.84
N GLN C 228 -26.49 -31.40 -16.87
CA GLN C 228 -27.44 -32.50 -16.87
C GLN C 228 -26.78 -33.73 -17.50
N MET C 229 -27.29 -34.90 -17.13
CA MET C 229 -26.80 -36.14 -17.71
C MET C 229 -27.20 -36.24 -19.17
N TYR C 230 -26.33 -36.84 -19.98
CA TYR C 230 -26.59 -36.97 -21.41
C TYR C 230 -25.87 -38.23 -21.90
N THR C 231 -26.61 -39.32 -22.00
CA THR C 231 -26.13 -40.62 -22.48
C THR C 231 -24.99 -41.17 -21.62
N GLN C 232 -24.62 -42.43 -21.85
CA GLN C 232 -23.55 -43.07 -21.09
C GLN C 232 -23.06 -44.28 -21.88
N LEU C 233 -21.82 -44.21 -22.36
CA LEU C 233 -21.24 -45.34 -23.08
C LEU C 233 -20.56 -46.28 -22.09
N ASN C 234 -21.03 -47.52 -22.05
CA ASN C 234 -20.56 -48.50 -21.08
C ASN C 234 -19.41 -49.34 -21.60
N LYS C 235 -18.98 -49.12 -22.84
CA LYS C 235 -17.91 -49.88 -23.48
C LYS C 235 -18.25 -51.38 -23.48
N GLY C 236 -17.75 -52.11 -22.49
CA GLY C 236 -17.98 -53.54 -22.43
C GLY C 236 -16.87 -54.32 -23.11
N GLY C 237 -17.20 -55.51 -23.61
CA GLY C 237 -16.23 -56.35 -24.28
C GLY C 237 -15.94 -55.89 -25.69
N GLN C 238 -15.25 -54.77 -25.84
CA GLN C 238 -14.90 -54.21 -27.13
C GLN C 238 -13.44 -53.83 -27.16
N ASP C 239 -12.86 -53.80 -28.36
CA ASP C 239 -11.47 -53.38 -28.51
C ASP C 239 -11.35 -51.87 -28.33
N ARG C 240 -10.11 -51.41 -28.18
CA ARG C 240 -9.87 -49.98 -27.98
C ARG C 240 -10.29 -49.18 -29.21
N GLN C 241 -9.98 -49.68 -30.42
CA GLN C 241 -10.28 -48.93 -31.63
C GLN C 241 -11.79 -48.76 -31.81
N THR C 242 -12.56 -49.81 -31.56
CA THR C 242 -14.02 -49.71 -31.69
C THR C 242 -14.59 -48.71 -30.68
N PHE C 243 -14.07 -48.74 -29.45
CA PHE C 243 -14.50 -47.77 -28.45
C PHE C 243 -14.16 -46.35 -28.86
N PHE C 244 -12.96 -46.15 -29.43
CA PHE C 244 -12.58 -44.83 -29.92
C PHE C 244 -13.52 -44.35 -31.02
N GLN C 245 -13.86 -45.24 -31.95
CA GLN C 245 -14.79 -44.86 -33.00
C GLN C 245 -16.17 -44.52 -32.44
N ASP C 246 -16.64 -45.29 -31.46
CA ASP C 246 -17.92 -45.01 -30.85
C ASP C 246 -17.93 -43.65 -30.15
N ILE C 247 -16.85 -43.34 -29.42
CA ILE C 247 -16.76 -42.04 -28.76
C ILE C 247 -16.74 -40.92 -29.77
N MET C 248 -15.99 -41.09 -30.87
CA MET C 248 -15.94 -40.05 -31.89
C MET C 248 -17.30 -39.83 -32.52
N LYS C 249 -18.02 -40.91 -32.81
CA LYS C 249 -19.36 -40.78 -33.40
C LYS C 249 -20.31 -40.08 -32.43
N THR C 250 -20.27 -40.46 -31.16
CA THR C 250 -21.16 -39.84 -30.17
C THR C 250 -20.85 -38.35 -30.03
N GLN C 251 -19.56 -37.99 -30.02
CA GLN C 251 -19.18 -36.58 -29.94
C GLN C 251 -19.64 -35.82 -31.18
N GLY C 252 -19.52 -36.45 -32.36
CA GLY C 252 -19.97 -35.80 -33.57
C GLY C 252 -21.47 -35.57 -33.59
N VAL C 253 -22.24 -36.52 -33.05
CA VAL C 253 -23.69 -36.34 -32.96
C VAL C 253 -24.03 -35.15 -32.07
N LEU C 254 -23.36 -35.05 -30.92
CA LEU C 254 -23.60 -33.95 -29.99
C LEU C 254 -23.09 -32.64 -30.57
#